data_5UPM
#
_entry.id   5UPM
#
_cell.length_a   65.520
_cell.length_b   93.680
_cell.length_c   159.410
_cell.angle_alpha   90.000
_cell.angle_beta   90.000
_cell.angle_gamma   90.000
#
_symmetry.space_group_name_H-M   'P 21 21 21'
#
loop_
_entity.id
_entity.type
_entity.pdbx_description
1 polymer 'BH0236 protein'
2 branched beta-D-glucopyranose-(1-3)-beta-D-glucopyranose-(1-3)-beta-D-glucopyranose
3 branched beta-D-glucopyranose-(1-3)-beta-D-glucopyranose-(1-3)-alpha-D-glucopyranose
4 branched beta-D-glucopyranose-(1-3)-beta-D-glucopyranose
5 non-polymer 'PHOSPHATE ION'
6 non-polymer 1,2-ETHANEDIOL
7 water water
#
_entity_poly.entity_id   1
_entity_poly.type   'polypeptide(L)'
_entity_poly.pdbx_seq_one_letter_code
;MHAVSVGKGSYATEFPEIDFGGINDPGFRDQQGEPPATIYRSDRVTGPMQTNSWWGSLAVDRFSMNQYPHPFSVRHRAEG
LHVFYDAPHNMVVHENREAGTWHIHGAIGTDFTIKHSGTANFEQAVVDDYNDWYVRGLLENGAHQMAITYGVGSPYIFVE
YEDGSAVLDFDIAPDVWEMNGHVIGFSTHDHKHYAAFAPPGQNWSGIGSKTLTNNADYIAIAKLPEKDGNMLAKFEQYAY
SVVRDAVADWTYDEATGTVTTTFEVTTEAKVQGAPDGTIFALYPHQYRHLASSSENQLLQNYQYEIIRGTMIGLEGKRFT
TELTYPGVLPSLPDLGDYDRERLIGYLHDATSDYPTGSDTYELGKYIGKLATLAPIADQMGEYELAEQFRGELKDILEDW
LQATNASGQLKGKNLFYYNENWGTILGYHAAHSSATRINDHHFHYGYFVKAAAEIARADQEWAKSENWGGMIDLLIRDFM
ADRDDDLFPYLRMFDPYSGNSWADGLATFDAGNNQQSSSEAMHAWTNVILWAEATGNKALRDRAIYLYTTEMSAINEYFF
DVHQEIFPEEYGPEIVTINWGGKMDHATWWNSGKVEKYAINWLPFHGGSLYLGHHPDYVDRAYEELRRDIGSTDWNLWSN
LVWMYRAFTNPDDALQQMEASIDDYGLFDPGNEKIIERGSTKAQTYHWIHNLAELGRVDPTVTANHPIYAVFNKNGNRTY
IVYNFSDSPITVQFSDGHSIQVEPHSFNIGNGD
;
_entity_poly.pdbx_strand_id   A
#
loop_
_chem_comp.id
_chem_comp.type
_chem_comp.name
_chem_comp.formula
BGC D-saccharide, beta linking beta-D-glucopyranose 'C6 H12 O6'
EDO non-polymer 1,2-ETHANEDIOL 'C2 H6 O2'
GLC D-saccharide, alpha linking alpha-D-glucopyranose 'C6 H12 O6'
PO4 non-polymer 'PHOSPHATE ION' 'O4 P -3'
#
# COMPACT_ATOMS: atom_id res chain seq x y z
N MET A 1 -12.47 26.85 -19.13
CA MET A 1 -11.34 26.92 -20.10
C MET A 1 -10.09 26.14 -19.59
N HIS A 2 -9.44 26.65 -18.54
CA HIS A 2 -8.20 26.04 -18.05
C HIS A 2 -8.30 25.38 -16.65
N ALA A 3 -9.46 25.50 -16.02
CA ALA A 3 -9.69 24.93 -14.69
C ALA A 3 -11.13 24.52 -14.54
N VAL A 4 -11.38 23.56 -13.66
CA VAL A 4 -12.73 23.09 -13.38
C VAL A 4 -13.09 23.45 -11.93
N SER A 5 -14.20 24.16 -11.75
N SER A 5 -14.21 24.14 -11.76
CA SER A 5 -14.68 24.50 -10.41
CA SER A 5 -14.71 24.52 -10.43
C SER A 5 -15.23 23.27 -9.69
C SER A 5 -15.31 23.33 -9.67
N VAL A 6 -14.84 23.12 -8.43
CA VAL A 6 -15.34 22.07 -7.56
C VAL A 6 -15.65 22.73 -6.21
N GLY A 7 -16.94 22.94 -5.93
CA GLY A 7 -17.31 23.80 -4.79
C GLY A 7 -16.58 25.14 -4.86
N LYS A 8 -15.98 25.57 -3.75
CA LYS A 8 -15.22 26.85 -3.72
C LYS A 8 -13.83 26.75 -4.33
N GLY A 9 -13.40 25.53 -4.63
CA GLY A 9 -12.05 25.27 -5.13
C GLY A 9 -12.05 24.95 -6.61
N SER A 10 -10.91 24.47 -7.10
CA SER A 10 -10.76 24.09 -8.52
C SER A 10 -9.48 23.34 -8.75
N TYR A 11 -9.44 22.61 -9.86
CA TYR A 11 -8.24 22.00 -10.37
C TYR A 11 -7.96 22.43 -11.79
N ALA A 12 -6.67 22.49 -12.13
CA ALA A 12 -6.23 22.88 -13.47
C ALA A 12 -6.51 21.74 -14.45
N THR A 13 -6.89 22.08 -15.68
CA THR A 13 -7.02 21.06 -16.74
C THR A 13 -5.96 21.22 -17.84
N GLU A 14 -5.15 22.29 -17.73
N GLU A 14 -5.12 22.25 -17.71
CA GLU A 14 -3.97 22.50 -18.56
CA GLU A 14 -3.99 22.43 -18.60
C GLU A 14 -2.77 22.49 -17.64
C GLU A 14 -2.75 22.56 -17.70
N PHE A 15 -1.64 21.97 -18.13
CA PHE A 15 -0.41 21.95 -17.34
C PHE A 15 0.04 23.40 -17.05
N PRO A 16 0.23 23.73 -15.76
CA PRO A 16 0.53 25.15 -15.46
C PRO A 16 1.92 25.55 -15.92
N GLU A 17 2.11 26.85 -16.11
CA GLU A 17 3.45 27.37 -16.27
C GLU A 17 4.00 27.44 -14.85
N ILE A 18 4.91 26.51 -14.55
CA ILE A 18 5.45 26.38 -13.20
C ILE A 18 6.24 27.60 -12.76
N ASP A 19 5.98 28.03 -11.53
CA ASP A 19 6.79 29.02 -10.85
C ASP A 19 7.90 28.27 -10.12
N PHE A 20 9.13 28.36 -10.63
CA PHE A 20 10.26 27.65 -10.01
C PHE A 20 10.87 28.36 -8.80
N GLY A 21 10.45 29.61 -8.54
CA GLY A 21 10.87 30.35 -7.34
C GLY A 21 12.37 30.65 -7.35
N GLY A 22 12.94 30.79 -8.54
CA GLY A 22 14.37 31.03 -8.72
C GLY A 22 15.29 29.85 -8.42
N ILE A 23 14.70 28.68 -8.18
CA ILE A 23 15.50 27.46 -7.90
C ILE A 23 15.96 26.88 -9.23
N ASN A 24 17.28 26.79 -9.40
CA ASN A 24 17.88 26.23 -10.60
C ASN A 24 18.28 24.77 -10.47
N ASP A 25 18.27 24.23 -9.25
CA ASP A 25 18.57 22.80 -9.01
C ASP A 25 17.84 21.94 -10.06
N PRO A 26 18.61 21.19 -10.90
CA PRO A 26 17.98 20.39 -11.97
C PRO A 26 16.98 19.35 -11.46
N GLY A 27 17.27 18.71 -10.32
CA GLY A 27 16.38 17.67 -9.75
C GLY A 27 15.02 18.26 -9.41
N PHE A 28 15.05 19.38 -8.67
CA PHE A 28 13.83 20.10 -8.31
C PHE A 28 13.03 20.50 -9.53
N ARG A 29 13.70 21.10 -10.54
CA ARG A 29 13.01 21.52 -11.77
C ARG A 29 12.35 20.35 -12.51
N ASP A 30 13.09 19.23 -12.60
CA ASP A 30 12.62 18.05 -13.32
C ASP A 30 11.42 17.41 -12.64
N GLN A 31 11.32 17.60 -11.33
CA GLN A 31 10.13 17.13 -10.57
C GLN A 31 8.83 17.81 -10.99
N GLN A 32 8.92 19.02 -11.54
CA GLN A 32 7.70 19.78 -11.86
C GLN A 32 7.30 19.47 -13.30
N GLY A 33 7.01 18.20 -13.55
CA GLY A 33 6.68 17.68 -14.88
C GLY A 33 5.46 16.79 -14.83
N GLU A 34 5.28 16.00 -15.89
CA GLU A 34 4.11 15.11 -16.01
C GLU A 34 4.59 13.68 -16.20
N PRO A 35 3.69 12.71 -15.97
CA PRO A 35 4.01 11.30 -16.23
C PRO A 35 4.18 11.05 -17.74
N PRO A 36 4.71 9.88 -18.12
CA PRO A 36 5.07 9.62 -19.54
C PRO A 36 3.92 9.81 -20.50
N ALA A 37 4.21 10.41 -21.67
CA ALA A 37 3.21 10.59 -22.71
C ALA A 37 2.68 9.25 -23.26
N THR A 38 3.59 8.29 -23.42
CA THR A 38 3.28 7.00 -24.07
C THR A 38 2.80 5.99 -23.04
N ILE A 39 1.60 5.45 -23.28
CA ILE A 39 1.05 4.35 -22.45
C ILE A 39 0.93 3.15 -23.38
N TYR A 40 1.62 2.07 -23.03
CA TYR A 40 1.54 0.82 -23.82
C TYR A 40 0.30 0.04 -23.42
N ARG A 41 -0.83 0.43 -24.00
CA ARG A 41 -2.10 -0.26 -23.82
C ARG A 41 -2.78 -0.35 -25.17
N SER A 42 -3.58 -1.40 -25.35
CA SER A 42 -4.32 -1.53 -26.62
C SER A 42 -5.57 -0.65 -26.61
N ASP A 43 -6.24 -0.58 -27.78
CA ASP A 43 -7.46 0.20 -27.84
C ASP A 43 -8.66 -0.50 -27.17
N ARG A 44 -8.43 -1.67 -26.57
CA ARG A 44 -9.42 -2.31 -25.71
C ARG A 44 -9.42 -1.71 -24.30
N VAL A 45 -8.37 -0.96 -23.96
CA VAL A 45 -8.19 -0.42 -22.60
C VAL A 45 -8.34 1.09 -22.72
N THR A 46 -9.48 1.62 -22.30
CA THR A 46 -9.78 3.06 -22.42
C THR A 46 -10.16 3.64 -21.06
N GLY A 47 -10.19 4.96 -20.99
CA GLY A 47 -10.55 5.61 -19.73
C GLY A 47 -9.29 5.75 -18.87
N PRO A 48 -9.48 6.26 -17.63
CA PRO A 48 -8.35 6.47 -16.72
C PRO A 48 -7.55 5.18 -16.59
N MET A 49 -6.23 5.29 -16.73
CA MET A 49 -5.34 4.13 -16.74
C MET A 49 -4.94 3.73 -15.33
N GLN A 50 -4.92 2.42 -15.06
CA GLN A 50 -4.45 1.91 -13.78
C GLN A 50 -2.96 2.18 -13.60
N THR A 51 -2.57 2.51 -12.37
CA THR A 51 -1.17 2.80 -12.02
C THR A 51 -0.89 2.14 -10.69
N ASN A 52 0.35 2.29 -10.20
CA ASN A 52 0.71 1.79 -8.86
C ASN A 52 0.42 0.29 -8.74
N SER A 53 0.72 -0.45 -9.79
N SER A 53 0.70 -0.43 -9.83
CA SER A 53 0.36 -1.87 -9.85
CA SER A 53 0.35 -1.85 -9.96
C SER A 53 1.58 -2.75 -9.85
C SER A 53 1.59 -2.73 -9.81
N TRP A 54 1.38 -4.01 -9.51
CA TRP A 54 2.51 -4.97 -9.54
C TRP A 54 3.00 -5.15 -10.98
N TRP A 55 2.13 -4.91 -11.97
CA TRP A 55 2.42 -5.14 -13.39
C TRP A 55 2.72 -3.88 -14.20
N GLY A 56 2.85 -2.74 -13.52
CA GLY A 56 2.94 -1.45 -14.18
C GLY A 56 4.01 -1.29 -15.26
N SER A 57 5.13 -1.98 -15.17
CA SER A 57 6.19 -1.78 -16.16
C SER A 57 5.77 -2.23 -17.56
N LEU A 58 4.76 -3.09 -17.65
CA LEU A 58 4.18 -3.48 -18.95
C LEU A 58 3.53 -2.29 -19.64
N ALA A 59 2.91 -1.39 -18.87
CA ALA A 59 2.26 -0.19 -19.42
C ALA A 59 3.25 0.92 -19.79
N VAL A 60 4.40 0.95 -19.12
CA VAL A 60 5.30 2.11 -19.23
C VAL A 60 6.47 1.85 -20.16
N ASP A 61 7.03 0.63 -20.12
N ASP A 61 7.06 0.68 -20.00
CA ASP A 61 8.13 0.19 -21.03
CA ASP A 61 8.13 0.33 -20.87
C ASP A 61 7.60 -0.31 -22.38
C ASP A 61 7.57 -0.43 -22.04
N ARG A 62 8.42 -0.27 -23.46
N ARG A 62 8.30 -0.33 -23.15
CA ARG A 62 8.05 -0.91 -24.72
CA ARG A 62 7.83 -0.86 -24.44
C ARG A 62 7.61 -2.38 -24.51
C ARG A 62 7.50 -2.35 -24.37
N PHE A 63 8.36 -3.11 -23.69
CA PHE A 63 8.04 -4.51 -23.39
C PHE A 63 7.56 -4.57 -21.94
N SER A 64 8.38 -5.08 -21.04
CA SER A 64 8.17 -4.84 -19.60
C SER A 64 9.51 -4.94 -18.91
N MET A 65 9.55 -4.56 -17.64
CA MET A 65 10.66 -4.97 -16.79
C MET A 65 10.30 -6.27 -16.05
N ASN A 66 11.19 -6.75 -15.18
CA ASN A 66 10.91 -8.01 -14.46
C ASN A 66 9.73 -7.82 -13.49
N GLN A 67 8.82 -8.80 -13.47
CA GLN A 67 7.59 -8.73 -12.67
C GLN A 67 7.47 -9.97 -11.84
N TYR A 68 6.68 -9.88 -10.77
CA TYR A 68 6.51 -10.96 -9.82
C TYR A 68 5.06 -11.40 -9.65
N PRO A 69 4.47 -12.04 -10.69
CA PRO A 69 3.15 -12.67 -10.52
C PRO A 69 3.34 -13.99 -9.70
N HIS A 70 3.51 -13.86 -8.39
CA HIS A 70 3.90 -15.02 -7.57
C HIS A 70 2.94 -16.18 -7.78
N PRO A 71 3.47 -17.41 -7.98
CA PRO A 71 4.85 -17.81 -7.66
C PRO A 71 5.94 -17.52 -8.68
N PHE A 72 5.58 -17.02 -9.87
CA PHE A 72 6.58 -16.79 -10.93
C PHE A 72 7.22 -15.41 -10.82
N SER A 73 8.38 -15.25 -11.47
CA SER A 73 8.75 -13.95 -12.06
C SER A 73 8.72 -14.08 -13.58
N VAL A 74 8.37 -13.00 -14.26
CA VAL A 74 8.32 -12.99 -15.73
C VAL A 74 8.79 -11.65 -16.27
N ARG A 75 9.20 -11.63 -17.54
CA ARG A 75 9.44 -10.37 -18.21
C ARG A 75 9.17 -10.51 -19.70
N HIS A 76 8.61 -9.45 -20.30
CA HIS A 76 8.32 -9.41 -21.72
C HIS A 76 9.56 -8.93 -22.47
N ARG A 77 9.81 -9.52 -23.63
CA ARG A 77 10.94 -9.13 -24.50
C ARG A 77 10.47 -9.28 -25.93
N ALA A 78 11.24 -8.72 -26.89
CA ALA A 78 10.90 -8.91 -28.30
C ALA A 78 10.76 -10.40 -28.68
N GLU A 79 11.62 -11.24 -28.09
CA GLU A 79 11.63 -12.69 -28.37
C GLU A 79 10.49 -13.48 -27.70
N GLY A 80 9.80 -12.88 -26.73
CA GLY A 80 8.70 -13.60 -26.02
C GLY A 80 8.70 -13.35 -24.53
N LEU A 81 8.01 -14.20 -23.76
CA LEU A 81 7.93 -13.99 -22.32
C LEU A 81 8.91 -14.90 -21.58
N HIS A 82 9.89 -14.30 -20.91
CA HIS A 82 10.78 -15.09 -20.06
C HIS A 82 10.07 -15.45 -18.77
N VAL A 83 10.23 -16.70 -18.34
CA VAL A 83 9.62 -17.22 -17.12
C VAL A 83 10.71 -17.70 -16.18
N PHE A 84 10.57 -17.40 -14.88
CA PHE A 84 11.57 -17.78 -13.89
C PHE A 84 10.90 -18.10 -12.57
N TYR A 85 11.57 -18.92 -11.77
CA TYR A 85 11.18 -19.17 -10.40
C TYR A 85 12.44 -19.15 -9.54
N ASP A 86 12.46 -18.30 -8.52
CA ASP A 86 13.56 -18.29 -7.53
C ASP A 86 13.50 -19.53 -6.63
N ALA A 87 14.42 -20.45 -6.86
CA ALA A 87 14.60 -21.63 -6.03
C ALA A 87 15.51 -21.25 -4.86
N PRO A 88 15.62 -22.12 -3.84
CA PRO A 88 16.48 -21.72 -2.72
C PRO A 88 17.90 -21.34 -3.14
N HIS A 89 18.48 -22.04 -4.12
CA HIS A 89 19.84 -21.72 -4.60
C HIS A 89 19.94 -20.37 -5.29
N ASN A 90 18.79 -19.79 -5.69
CA ASN A 90 18.75 -18.44 -6.25
C ASN A 90 18.65 -17.35 -5.20
N MET A 91 18.24 -17.70 -3.98
CA MET A 91 17.96 -16.71 -2.93
C MET A 91 19.20 -16.42 -2.10
N VAL A 92 19.42 -15.15 -1.77
CA VAL A 92 20.56 -14.74 -0.94
C VAL A 92 20.10 -13.72 0.11
N VAL A 93 20.84 -13.65 1.21
CA VAL A 93 20.66 -12.63 2.23
C VAL A 93 22.04 -11.98 2.37
N HIS A 94 22.14 -10.72 2.01
CA HIS A 94 23.41 -9.99 2.10
C HIS A 94 23.32 -8.81 3.06
N GLU A 95 24.45 -8.50 3.70
CA GLU A 95 24.52 -7.35 4.62
C GLU A 95 25.66 -6.44 4.19
N ASN A 96 25.42 -5.13 4.24
CA ASN A 96 26.48 -4.15 4.05
C ASN A 96 26.56 -3.47 5.41
N ARG A 97 27.59 -3.84 6.19
CA ARG A 97 27.72 -3.40 7.59
C ARG A 97 27.84 -1.89 7.73
N GLU A 98 28.69 -1.28 6.90
CA GLU A 98 28.91 0.14 6.98
C GLU A 98 27.68 0.92 6.57
N ALA A 99 26.99 0.46 5.53
CA ALA A 99 25.73 1.12 5.12
C ALA A 99 24.60 0.85 6.11
N GLY A 100 24.73 -0.23 6.88
CA GLY A 100 23.67 -0.67 7.82
C GLY A 100 22.49 -1.24 7.06
N THR A 101 22.77 -1.82 5.90
CA THR A 101 21.70 -2.34 5.04
C THR A 101 21.72 -3.84 4.94
N TRP A 102 20.54 -4.42 4.70
CA TRP A 102 20.43 -5.85 4.43
C TRP A 102 19.56 -6.02 3.20
N HIS A 103 19.79 -7.10 2.45
CA HIS A 103 19.00 -7.35 1.23
C HIS A 103 18.69 -8.83 1.14
N ILE A 104 17.40 -9.16 1.01
CA ILE A 104 16.94 -10.54 0.75
C ILE A 104 16.47 -10.50 -0.69
N HIS A 105 17.12 -11.26 -1.57
CA HIS A 105 16.72 -11.19 -3.01
C HIS A 105 17.04 -12.47 -3.76
N GLY A 106 16.44 -12.61 -4.94
CA GLY A 106 16.74 -13.75 -5.82
C GLY A 106 17.53 -13.28 -7.03
N ALA A 107 17.23 -13.91 -8.17
CA ALA A 107 17.97 -13.68 -9.40
C ALA A 107 17.04 -13.19 -10.49
N ILE A 108 17.61 -12.58 -11.54
CA ILE A 108 16.84 -12.19 -12.72
C ILE A 108 17.25 -13.16 -13.83
N GLY A 109 16.80 -14.40 -13.71
CA GLY A 109 17.20 -15.42 -14.66
C GLY A 109 16.08 -15.84 -15.59
N THR A 110 16.33 -16.89 -16.35
CA THR A 110 15.31 -17.37 -17.28
C THR A 110 15.30 -18.88 -17.19
N ASP A 111 14.16 -19.44 -16.77
CA ASP A 111 14.01 -20.89 -16.81
C ASP A 111 13.67 -21.37 -18.22
N PHE A 112 12.78 -20.62 -18.88
CA PHE A 112 12.45 -20.82 -20.28
C PHE A 112 11.76 -19.58 -20.80
N THR A 113 11.68 -19.48 -22.12
CA THR A 113 10.98 -18.38 -22.78
C THR A 113 9.78 -18.96 -23.53
N ILE A 114 8.60 -18.39 -23.27
CA ILE A 114 7.37 -18.72 -24.01
C ILE A 114 7.43 -17.89 -25.29
N LYS A 115 7.39 -18.60 -26.43
CA LYS A 115 7.58 -17.98 -27.74
C LYS A 115 6.45 -18.31 -28.70
N HIS A 116 6.43 -17.57 -29.81
CA HIS A 116 5.43 -17.67 -30.86
C HIS A 116 6.18 -18.20 -32.08
N SER A 117 5.63 -19.23 -32.73
CA SER A 117 6.31 -19.89 -33.85
C SER A 117 6.63 -18.96 -35.03
N GLY A 118 5.86 -17.88 -35.17
CA GLY A 118 5.95 -17.00 -36.34
C GLY A 118 6.89 -15.83 -36.23
N THR A 119 7.31 -15.50 -35.01
CA THR A 119 8.18 -14.33 -34.79
C THR A 119 8.92 -14.39 -33.47
N ALA A 120 10.16 -13.92 -33.46
CA ALA A 120 10.84 -13.63 -32.19
C ALA A 120 11.28 -12.17 -32.17
N ASN A 121 10.50 -11.35 -32.87
CA ASN A 121 10.75 -9.93 -32.94
C ASN A 121 9.46 -9.15 -32.79
N PHE A 122 8.78 -9.36 -31.67
CA PHE A 122 7.63 -8.56 -31.37
C PHE A 122 8.02 -7.08 -31.27
N GLU A 123 7.08 -6.22 -31.64
CA GLU A 123 7.33 -4.77 -31.69
C GLU A 123 7.19 -4.12 -30.33
N GLN A 124 6.26 -4.64 -29.53
CA GLN A 124 5.96 -4.10 -28.20
C GLN A 124 5.09 -5.09 -27.45
N ALA A 125 4.97 -4.89 -26.14
CA ALA A 125 4.01 -5.63 -25.33
C ALA A 125 3.08 -4.59 -24.70
N VAL A 126 1.76 -4.75 -24.82
CA VAL A 126 0.82 -3.75 -24.31
C VAL A 126 -0.11 -4.39 -23.29
N VAL A 127 -0.68 -3.55 -22.43
CA VAL A 127 -1.77 -3.98 -21.56
C VAL A 127 -3.03 -4.09 -22.43
N ASP A 128 -3.63 -5.29 -22.50
CA ASP A 128 -4.80 -5.51 -23.35
C ASP A 128 -6.07 -5.66 -22.53
N ASP A 129 -5.89 -5.93 -21.23
CA ASP A 129 -6.99 -5.99 -20.26
C ASP A 129 -6.37 -6.15 -18.89
N TYR A 130 -7.14 -5.85 -17.85
CA TYR A 130 -6.70 -6.11 -16.46
C TYR A 130 -7.93 -6.15 -15.58
N ASN A 131 -7.80 -6.71 -14.40
CA ASN A 131 -8.91 -6.71 -13.43
C ASN A 131 -8.29 -6.40 -12.07
N ASP A 132 -8.85 -6.89 -10.97
CA ASP A 132 -8.36 -6.44 -9.67
C ASP A 132 -6.93 -6.90 -9.37
N TRP A 133 -6.48 -8.02 -9.96
CA TRP A 133 -5.08 -8.45 -9.78
C TRP A 133 -4.40 -9.25 -10.88
N TYR A 134 -5.15 -9.65 -11.91
CA TYR A 134 -4.50 -10.24 -13.11
C TYR A 134 -4.30 -9.19 -14.19
N VAL A 135 -3.38 -9.46 -15.11
CA VAL A 135 -3.21 -8.61 -16.28
C VAL A 135 -3.17 -9.50 -17.52
N ARG A 136 -3.55 -8.93 -18.67
CA ARG A 136 -3.42 -9.63 -19.97
C ARG A 136 -2.45 -8.78 -20.78
N GLY A 137 -1.24 -9.31 -21.00
CA GLY A 137 -0.20 -8.61 -21.75
C GLY A 137 -0.22 -9.13 -23.18
N LEU A 138 -0.11 -8.24 -24.15
CA LEU A 138 -0.25 -8.65 -25.54
C LEU A 138 1.01 -8.27 -26.30
N LEU A 139 1.75 -9.29 -26.73
CA LEU A 139 2.93 -9.10 -27.57
C LEU A 139 2.47 -9.05 -29.01
N GLU A 140 2.87 -7.98 -29.72
CA GLU A 140 2.29 -7.58 -31.01
C GLU A 140 3.35 -7.49 -32.10
N ASN A 141 3.07 -8.13 -33.24
CA ASN A 141 3.85 -7.97 -34.47
C ASN A 141 2.91 -8.21 -35.68
N GLY A 142 2.13 -7.18 -36.03
CA GLY A 142 1.13 -7.31 -37.09
C GLY A 142 0.14 -8.43 -36.80
N ALA A 143 0.01 -9.37 -37.75
CA ALA A 143 -0.89 -10.55 -37.59
C ALA A 143 -0.46 -11.45 -36.42
N HIS A 144 0.85 -11.47 -36.10
CA HIS A 144 1.37 -12.32 -35.03
C HIS A 144 1.07 -11.69 -33.68
N GLN A 145 0.31 -12.38 -32.84
CA GLN A 145 0.04 -11.88 -31.49
C GLN A 145 0.17 -13.01 -30.50
N MET A 146 0.61 -12.68 -29.28
CA MET A 146 0.64 -13.65 -28.21
C MET A 146 0.10 -12.93 -26.99
N ALA A 147 -1.03 -13.39 -26.48
CA ALA A 147 -1.67 -12.76 -25.32
C ALA A 147 -1.39 -13.63 -24.10
N ILE A 148 -0.83 -13.02 -23.07
CA ILE A 148 -0.34 -13.75 -21.89
C ILE A 148 -1.16 -13.26 -20.70
N THR A 149 -1.88 -14.16 -20.04
CA THR A 149 -2.71 -13.78 -18.89
C THR A 149 -2.06 -14.35 -17.65
N TYR A 150 -1.83 -13.49 -16.66
CA TYR A 150 -1.06 -13.89 -15.48
C TYR A 150 -1.36 -12.96 -14.32
N GLY A 151 -0.97 -13.35 -13.12
CA GLY A 151 -1.28 -12.52 -11.97
C GLY A 151 -0.60 -12.97 -10.71
N VAL A 152 -0.46 -12.04 -9.77
CA VAL A 152 -0.11 -12.43 -8.41
C VAL A 152 -1.13 -13.47 -7.92
N GLY A 153 -0.64 -14.49 -7.22
CA GLY A 153 -1.52 -15.55 -6.71
C GLY A 153 -2.03 -16.50 -7.78
N SER A 154 -1.43 -16.49 -8.97
CA SER A 154 -1.80 -17.46 -10.02
C SER A 154 -0.60 -18.35 -10.38
N PRO A 155 -0.70 -19.66 -10.09
CA PRO A 155 0.34 -20.58 -10.51
C PRO A 155 0.20 -20.97 -12.00
N TYR A 156 -0.70 -20.30 -12.72
CA TYR A 156 -0.86 -20.49 -14.17
C TYR A 156 -0.43 -19.23 -14.92
N ILE A 157 0.13 -19.47 -16.12
CA ILE A 157 0.27 -18.41 -17.14
C ILE A 157 -0.51 -18.96 -18.32
N PHE A 158 -1.51 -18.20 -18.78
CA PHE A 158 -2.36 -18.63 -19.90
C PHE A 158 -1.86 -17.94 -21.17
N VAL A 159 -1.74 -18.70 -22.28
CA VAL A 159 -1.07 -18.16 -23.49
C VAL A 159 -1.97 -18.38 -24.71
N GLU A 160 -2.36 -17.28 -25.35
CA GLU A 160 -3.27 -17.35 -26.51
C GLU A 160 -2.58 -16.81 -27.75
N TYR A 161 -2.60 -17.59 -28.83
CA TYR A 161 -1.85 -17.25 -30.04
C TYR A 161 -2.73 -16.80 -31.20
N GLU A 162 -2.26 -15.79 -31.93
N GLU A 162 -2.27 -15.79 -31.94
CA GLU A 162 -2.85 -15.44 -33.23
CA GLU A 162 -2.87 -15.45 -33.23
C GLU A 162 -1.80 -15.63 -34.29
C GLU A 162 -1.81 -15.63 -34.30
N ASP A 163 -2.19 -16.31 -35.37
CA ASP A 163 -1.30 -16.56 -36.54
C ASP A 163 0.01 -17.25 -36.17
N GLY A 164 -0.09 -18.27 -35.32
CA GLY A 164 1.07 -19.07 -34.98
C GLY A 164 0.74 -20.05 -33.87
N SER A 165 1.78 -20.74 -33.42
CA SER A 165 1.63 -21.79 -32.41
C SER A 165 2.74 -21.71 -31.38
N ALA A 166 2.67 -22.59 -30.39
CA ALA A 166 3.50 -22.52 -29.17
C ALA A 166 4.91 -23.06 -29.27
N VAL A 167 5.84 -22.34 -28.64
CA VAL A 167 7.23 -22.76 -28.52
C VAL A 167 7.70 -22.46 -27.09
N LEU A 168 8.36 -23.42 -26.45
CA LEU A 168 9.05 -23.21 -25.18
C LEU A 168 10.53 -23.41 -25.41
N ASP A 169 11.30 -22.34 -25.26
CA ASP A 169 12.73 -22.40 -25.52
C ASP A 169 13.57 -22.36 -24.25
N PHE A 170 14.56 -23.24 -24.18
CA PHE A 170 15.41 -23.44 -22.99
C PHE A 170 16.88 -23.30 -23.39
N ASP A 171 17.70 -22.74 -22.49
CA ASP A 171 19.16 -22.70 -22.76
C ASP A 171 19.80 -24.07 -22.58
N ILE A 172 19.30 -24.83 -21.61
CA ILE A 172 19.73 -26.21 -21.35
C ILE A 172 18.49 -27.11 -21.44
N ALA A 173 18.60 -28.21 -22.19
CA ALA A 173 17.45 -29.12 -22.37
C ALA A 173 16.78 -29.53 -21.04
N PRO A 174 15.45 -29.34 -20.92
CA PRO A 174 14.77 -29.77 -19.70
C PRO A 174 14.52 -31.28 -19.65
N ASP A 175 14.25 -31.77 -18.44
CA ASP A 175 13.86 -33.18 -18.24
C ASP A 175 12.35 -33.27 -18.35
N VAL A 176 11.84 -33.88 -19.42
CA VAL A 176 10.38 -34.09 -19.50
C VAL A 176 10.08 -35.43 -18.84
N TRP A 177 9.61 -35.37 -17.60
CA TRP A 177 9.44 -36.57 -16.77
C TRP A 177 8.04 -37.16 -16.87
N GLU A 178 7.10 -36.42 -17.47
CA GLU A 178 5.79 -36.97 -17.76
C GLU A 178 5.31 -36.47 -19.12
N MET A 179 5.06 -37.42 -20.02
CA MET A 179 4.67 -37.09 -21.38
C MET A 179 3.30 -37.71 -21.61
N ASN A 180 2.25 -36.88 -21.54
CA ASN A 180 0.86 -37.34 -21.72
C ASN A 180 0.36 -36.91 -23.10
N GLY A 181 1.30 -36.59 -24.02
CA GLY A 181 0.91 -36.16 -25.35
C GLY A 181 0.70 -34.65 -25.35
N HIS A 182 -0.51 -34.22 -24.97
CA HIS A 182 -0.87 -32.79 -24.96
C HIS A 182 -0.52 -32.09 -23.65
N VAL A 183 -0.13 -32.86 -22.65
CA VAL A 183 0.23 -32.35 -21.31
C VAL A 183 1.59 -32.92 -20.98
N ILE A 184 2.49 -32.06 -20.50
CA ILE A 184 3.83 -32.48 -20.11
C ILE A 184 4.18 -31.95 -18.74
N GLY A 185 4.87 -32.80 -17.95
CA GLY A 185 5.49 -32.40 -16.68
C GLY A 185 6.99 -32.33 -16.96
N PHE A 186 7.62 -31.21 -16.62
CA PHE A 186 9.03 -31.08 -16.91
C PHE A 186 9.78 -30.35 -15.81
N SER A 187 11.09 -30.52 -15.83
CA SER A 187 11.95 -29.82 -14.89
C SER A 187 13.08 -29.18 -15.63
N THR A 188 13.50 -28.01 -15.13
CA THR A 188 14.71 -27.37 -15.63
C THR A 188 15.92 -28.24 -15.24
N HIS A 189 17.06 -27.96 -15.86
CA HIS A 189 18.32 -28.62 -15.49
C HIS A 189 18.63 -28.52 -13.98
N ASP A 190 18.21 -27.41 -13.36
CA ASP A 190 18.41 -27.18 -11.92
C ASP A 190 17.16 -27.49 -11.09
N HIS A 191 16.34 -28.39 -11.63
CA HIS A 191 15.31 -29.12 -10.84
C HIS A 191 14.11 -28.29 -10.40
N LYS A 192 13.77 -27.29 -11.20
CA LYS A 192 12.54 -26.52 -10.93
C LYS A 192 11.40 -27.15 -11.73
N HIS A 193 10.28 -27.41 -11.07
CA HIS A 193 9.21 -28.23 -11.65
C HIS A 193 8.04 -27.44 -12.20
N TYR A 194 7.73 -27.69 -13.48
CA TYR A 194 6.69 -26.99 -14.20
C TYR A 194 5.83 -27.98 -14.98
N ALA A 195 4.76 -27.46 -15.57
CA ALA A 195 3.96 -28.26 -16.49
C ALA A 195 3.43 -27.38 -17.61
N ALA A 196 3.17 -28.00 -18.77
CA ALA A 196 2.56 -27.29 -19.88
C ALA A 196 1.37 -28.08 -20.40
N PHE A 197 0.34 -27.36 -20.84
CA PHE A 197 -0.95 -27.97 -21.19
C PHE A 197 -1.45 -27.42 -22.51
N ALA A 198 -1.82 -28.32 -23.42
CA ALA A 198 -2.39 -27.95 -24.72
C ALA A 198 -3.70 -28.73 -24.86
N PRO A 199 -4.57 -28.35 -25.80
CA PRO A 199 -5.84 -29.09 -25.95
C PRO A 199 -5.58 -30.55 -26.38
N PRO A 200 -6.48 -31.48 -25.98
CA PRO A 200 -6.31 -32.88 -26.35
C PRO A 200 -6.08 -33.03 -27.85
N GLY A 201 -5.14 -33.90 -28.18
CA GLY A 201 -4.79 -34.19 -29.56
C GLY A 201 -3.69 -33.30 -30.11
N GLN A 202 -3.37 -32.19 -29.43
CA GLN A 202 -2.26 -31.33 -29.87
C GLN A 202 -1.05 -31.71 -29.04
N ASN A 203 -0.21 -32.56 -29.61
CA ASN A 203 0.86 -33.19 -28.84
C ASN A 203 2.16 -32.40 -28.89
N TRP A 204 2.88 -32.41 -27.76
CA TRP A 204 4.17 -31.73 -27.67
C TRP A 204 5.24 -32.48 -28.42
N SER A 205 6.09 -31.72 -29.12
N SER A 205 6.10 -31.74 -29.10
CA SER A 205 7.26 -32.26 -29.82
CA SER A 205 7.24 -32.32 -29.80
C SER A 205 8.54 -31.66 -29.28
C SER A 205 8.53 -31.62 -29.36
N GLY A 206 9.67 -32.24 -29.70
CA GLY A 206 11.00 -31.78 -29.30
C GLY A 206 11.44 -32.26 -27.93
N ILE A 207 10.74 -33.25 -27.37
CA ILE A 207 11.10 -33.85 -26.05
C ILE A 207 12.54 -34.33 -26.14
N GLY A 208 13.35 -33.93 -25.16
CA GLY A 208 14.77 -34.27 -25.11
C GLY A 208 15.69 -33.16 -25.62
N SER A 209 15.12 -32.21 -26.36
CA SER A 209 15.88 -31.10 -26.93
C SER A 209 15.67 -29.82 -26.08
N LYS A 210 16.26 -28.72 -26.53
CA LYS A 210 16.17 -27.42 -25.86
C LYS A 210 14.90 -26.68 -26.24
N THR A 211 14.12 -27.21 -27.19
CA THR A 211 12.96 -26.48 -27.69
C THR A 211 11.74 -27.41 -27.75
N LEU A 212 10.73 -27.11 -26.95
CA LEU A 212 9.48 -27.87 -26.95
C LEU A 212 8.43 -27.13 -27.77
N THR A 213 7.77 -27.83 -28.70
CA THR A 213 6.83 -27.16 -29.60
C THR A 213 5.46 -27.81 -29.53
N ASN A 214 4.44 -27.04 -29.88
CA ASN A 214 3.07 -27.52 -29.94
C ASN A 214 2.30 -26.72 -30.97
N ASN A 215 1.56 -27.41 -31.83
CA ASN A 215 0.75 -26.77 -32.86
C ASN A 215 -0.47 -26.00 -32.39
N ALA A 216 -0.84 -26.13 -31.12
CA ALA A 216 -2.02 -25.47 -30.58
C ALA A 216 -1.90 -23.96 -30.62
N ASP A 217 -3.04 -23.27 -30.67
CA ASP A 217 -3.07 -21.81 -30.50
C ASP A 217 -3.39 -21.40 -29.06
N TYR A 218 -3.34 -22.39 -28.16
CA TYR A 218 -3.56 -22.14 -26.72
C TYR A 218 -2.68 -23.08 -25.94
N ILE A 219 -1.90 -22.54 -25.01
CA ILE A 219 -1.27 -23.40 -23.99
C ILE A 219 -1.38 -22.72 -22.63
N ALA A 220 -1.21 -23.51 -21.58
CA ALA A 220 -1.00 -22.94 -20.24
C ALA A 220 0.28 -23.50 -19.67
N ILE A 221 0.95 -22.67 -18.87
CA ILE A 221 2.11 -23.08 -18.08
C ILE A 221 1.66 -23.10 -16.63
N ALA A 222 2.05 -24.12 -15.88
CA ALA A 222 1.87 -24.07 -14.43
C ALA A 222 3.22 -24.24 -13.72
N LYS A 223 3.41 -23.53 -12.61
CA LYS A 223 4.47 -23.91 -11.67
C LYS A 223 3.88 -25.01 -10.78
N LEU A 224 4.53 -26.17 -10.76
CA LEU A 224 4.09 -27.27 -9.90
C LEU A 224 4.74 -27.17 -8.52
N PRO A 225 4.01 -27.51 -7.45
CA PRO A 225 4.66 -27.46 -6.14
C PRO A 225 5.76 -28.48 -5.97
N GLU A 226 5.60 -29.63 -6.63
CA GLU A 226 6.48 -30.80 -6.49
C GLU A 226 6.55 -31.54 -7.82
N LYS A 227 7.56 -32.39 -7.99
CA LYS A 227 7.65 -33.28 -9.15
C LYS A 227 6.69 -34.45 -8.86
N ASP A 228 5.42 -34.26 -9.22
CA ASP A 228 4.34 -35.10 -8.72
C ASP A 228 3.26 -35.18 -9.78
N GLY A 229 3.05 -36.38 -10.32
CA GLY A 229 2.03 -36.61 -11.35
C GLY A 229 0.59 -36.46 -10.87
N ASN A 230 0.34 -36.66 -9.57
CA ASN A 230 -1.00 -36.40 -9.05
C ASN A 230 -1.29 -34.89 -9.06
N MET A 231 -0.28 -34.11 -8.71
CA MET A 231 -0.42 -32.65 -8.77
C MET A 231 -0.61 -32.21 -10.22
N LEU A 232 0.17 -32.80 -11.13
CA LEU A 232 0.02 -32.51 -12.56
C LEU A 232 -1.43 -32.76 -13.00
N ALA A 233 -1.99 -33.88 -12.56
CA ALA A 233 -3.38 -34.22 -12.91
C ALA A 233 -4.40 -33.21 -12.39
N LYS A 234 -4.17 -32.71 -11.17
CA LYS A 234 -5.00 -31.65 -10.59
C LYS A 234 -4.88 -30.34 -11.40
N PHE A 235 -3.63 -29.96 -11.73
CA PHE A 235 -3.41 -28.76 -12.56
C PHE A 235 -4.06 -28.87 -13.94
N GLU A 236 -4.13 -30.07 -14.49
CA GLU A 236 -4.86 -30.26 -15.76
C GLU A 236 -6.29 -29.80 -15.71
N GLN A 237 -6.93 -30.02 -14.57
CA GLN A 237 -8.35 -29.75 -14.43
C GLN A 237 -8.69 -28.30 -14.68
N TYR A 238 -7.77 -27.38 -14.33
CA TYR A 238 -8.05 -25.95 -14.44
C TYR A 238 -7.17 -25.25 -15.48
N ALA A 239 -6.36 -26.05 -16.19
CA ALA A 239 -5.38 -25.47 -17.13
C ALA A 239 -6.05 -24.86 -18.36
N TYR A 240 -7.35 -25.15 -18.55
CA TYR A 240 -8.09 -24.65 -19.73
C TYR A 240 -9.16 -23.66 -19.37
N SER A 241 -9.06 -23.09 -18.16
CA SER A 241 -10.04 -22.14 -17.68
C SER A 241 -9.32 -20.78 -17.53
N VAL A 242 -9.33 -19.99 -18.61
CA VAL A 242 -8.51 -18.76 -18.62
C VAL A 242 -9.22 -17.67 -17.84
N VAL A 243 -8.53 -17.07 -16.86
CA VAL A 243 -9.14 -16.01 -16.06
C VAL A 243 -9.37 -14.77 -16.90
N ARG A 244 -10.64 -14.33 -16.94
CA ARG A 244 -11.01 -13.08 -17.65
C ARG A 244 -11.37 -11.98 -16.65
N ASP A 245 -12.10 -12.33 -15.60
CA ASP A 245 -12.48 -11.37 -14.57
C ASP A 245 -11.93 -11.85 -13.25
N ALA A 246 -11.61 -10.90 -12.37
CA ALA A 246 -11.16 -11.23 -11.02
C ALA A 246 -11.49 -10.01 -10.17
N VAL A 247 -12.26 -10.25 -9.11
N VAL A 247 -12.30 -10.24 -9.16
CA VAL A 247 -12.83 -9.19 -8.29
CA VAL A 247 -12.72 -9.16 -8.27
C VAL A 247 -12.67 -9.48 -6.79
C VAL A 247 -12.48 -9.53 -6.82
N ALA A 248 -12.13 -8.52 -6.04
CA ALA A 248 -12.07 -8.63 -4.59
C ALA A 248 -13.21 -7.76 -4.03
N ASP A 249 -14.30 -8.42 -3.62
CA ASP A 249 -15.47 -7.72 -3.12
C ASP A 249 -15.43 -7.84 -1.63
N TRP A 250 -15.79 -6.75 -0.94
CA TRP A 250 -15.67 -6.73 0.52
C TRP A 250 -16.95 -6.23 1.18
N THR A 251 -17.10 -6.57 2.46
CA THR A 251 -18.15 -5.99 3.32
C THR A 251 -17.51 -5.66 4.65
N TYR A 252 -18.02 -4.62 5.30
CA TYR A 252 -17.68 -4.29 6.66
C TYR A 252 -18.93 -4.47 7.51
N ASP A 253 -18.83 -5.34 8.51
CA ASP A 253 -19.92 -5.58 9.47
C ASP A 253 -19.62 -4.66 10.64
N GLU A 254 -20.26 -3.50 10.66
CA GLU A 254 -19.98 -2.52 11.71
C GLU A 254 -20.19 -3.04 13.13
N ALA A 255 -21.23 -3.88 13.32
CA ALA A 255 -21.54 -4.44 14.65
C ALA A 255 -20.38 -5.26 15.23
N THR A 256 -19.71 -6.05 14.40
CA THR A 256 -18.66 -6.98 14.86
C THR A 256 -17.23 -6.51 14.56
N GLY A 257 -17.10 -5.54 13.66
CA GLY A 257 -15.79 -5.12 13.17
C GLY A 257 -15.22 -5.99 12.05
N THR A 258 -15.96 -7.01 11.61
CA THR A 258 -15.40 -7.95 10.63
C THR A 258 -15.39 -7.37 9.21
N VAL A 259 -14.22 -7.42 8.60
CA VAL A 259 -14.05 -7.08 7.18
C VAL A 259 -13.89 -8.40 6.45
N THR A 260 -14.89 -8.71 5.61
CA THR A 260 -14.91 -9.95 4.82
C THR A 260 -14.61 -9.61 3.36
N THR A 261 -13.67 -10.34 2.76
CA THR A 261 -13.32 -10.10 1.35
C THR A 261 -13.42 -11.42 0.61
N THR A 262 -14.13 -11.40 -0.52
CA THR A 262 -14.25 -12.58 -1.35
C THR A 262 -13.58 -12.30 -2.67
N PHE A 263 -12.64 -13.19 -2.99
CA PHE A 263 -11.84 -13.13 -4.23
C PHE A 263 -12.46 -14.10 -5.20
N GLU A 264 -12.98 -13.58 -6.31
CA GLU A 264 -13.75 -14.39 -7.26
C GLU A 264 -13.24 -14.18 -8.68
N VAL A 265 -12.93 -15.28 -9.36
CA VAL A 265 -12.57 -15.24 -10.78
C VAL A 265 -13.76 -15.64 -11.65
N THR A 266 -13.75 -15.17 -12.88
CA THR A 266 -14.63 -15.72 -13.93
C THR A 266 -13.72 -16.11 -15.07
N THR A 267 -13.86 -17.37 -15.50
CA THR A 267 -12.97 -17.91 -16.54
C THR A 267 -13.72 -18.18 -17.83
N GLU A 268 -12.95 -18.38 -18.90
CA GLU A 268 -13.49 -18.76 -20.21
C GLU A 268 -12.87 -20.08 -20.59
N ALA A 269 -13.71 -21.01 -21.07
CA ALA A 269 -13.29 -22.38 -21.34
C ALA A 269 -12.54 -22.45 -22.65
N LYS A 270 -11.36 -23.07 -22.64
CA LYS A 270 -10.59 -23.31 -23.86
C LYS A 270 -10.73 -24.74 -24.40
N VAL A 271 -11.32 -25.62 -23.61
CA VAL A 271 -11.80 -26.95 -24.09
C VAL A 271 -13.21 -27.11 -23.59
N GLN A 272 -14.00 -27.95 -24.29
CA GLN A 272 -15.34 -28.32 -23.82
C GLN A 272 -15.38 -28.78 -22.37
N GLY A 273 -16.25 -28.15 -21.59
CA GLY A 273 -16.48 -28.60 -20.23
C GLY A 273 -15.51 -28.11 -19.18
N ALA A 274 -14.56 -27.24 -19.56
CA ALA A 274 -13.62 -26.68 -18.59
C ALA A 274 -14.38 -25.95 -17.48
N PRO A 275 -14.05 -26.22 -16.20
CA PRO A 275 -14.77 -25.66 -15.04
C PRO A 275 -14.57 -24.15 -14.92
N ASP A 276 -15.56 -23.46 -14.35
CA ASP A 276 -15.40 -22.04 -14.10
C ASP A 276 -14.70 -21.87 -12.75
N GLY A 277 -13.38 -21.71 -12.79
CA GLY A 277 -12.56 -21.67 -11.57
C GLY A 277 -11.10 -21.81 -11.93
N THR A 278 -10.25 -21.77 -10.92
CA THR A 278 -8.82 -21.84 -11.11
C THR A 278 -8.17 -22.49 -9.89
N ILE A 279 -6.84 -22.53 -9.86
CA ILE A 279 -6.13 -22.83 -8.65
C ILE A 279 -5.47 -21.53 -8.26
N PHE A 280 -5.84 -21.03 -7.08
CA PHE A 280 -5.26 -19.80 -6.54
C PHE A 280 -4.04 -20.19 -5.75
N ALA A 281 -3.04 -19.30 -5.69
CA ALA A 281 -1.95 -19.44 -4.71
C ALA A 281 -2.15 -18.32 -3.69
N LEU A 282 -2.44 -18.68 -2.44
CA LEU A 282 -2.68 -17.69 -1.39
C LEU A 282 -1.42 -17.28 -0.66
N TYR A 283 -1.33 -15.98 -0.36
CA TYR A 283 -0.26 -15.45 0.48
C TYR A 283 -0.59 -15.64 1.97
N PRO A 284 0.43 -15.62 2.84
CA PRO A 284 0.20 -15.71 4.30
C PRO A 284 -0.90 -14.78 4.86
N HIS A 285 -0.94 -13.50 4.44
CA HIS A 285 -1.96 -12.59 4.97
C HIS A 285 -3.38 -13.01 4.59
N GLN A 286 -3.50 -13.84 3.55
CA GLN A 286 -4.79 -14.40 3.17
C GLN A 286 -5.10 -15.72 3.89
N TYR A 287 -4.23 -16.71 3.78
CA TYR A 287 -4.62 -18.01 4.35
C TYR A 287 -4.65 -18.07 5.88
N ARG A 288 -3.90 -17.19 6.54
CA ARG A 288 -3.96 -17.11 7.98
C ARG A 288 -5.30 -16.61 8.47
N HIS A 289 -6.08 -16.03 7.54
CA HIS A 289 -7.40 -15.45 7.81
C HIS A 289 -8.49 -16.08 6.96
N LEU A 290 -8.25 -17.30 6.48
CA LEU A 290 -9.21 -17.93 5.58
C LEU A 290 -10.55 -18.18 6.28
N ALA A 291 -11.67 -17.86 5.61
CA ALA A 291 -12.99 -18.14 6.17
C ALA A 291 -13.19 -19.65 6.30
N SER A 292 -13.95 -20.07 7.31
CA SER A 292 -14.26 -21.50 7.51
C SER A 292 -14.80 -22.14 6.26
N SER A 293 -15.67 -21.41 5.55
CA SER A 293 -16.35 -21.92 4.38
C SER A 293 -15.43 -22.16 3.18
N SER A 294 -14.21 -21.59 3.22
CA SER A 294 -13.22 -21.81 2.14
C SER A 294 -12.23 -22.93 2.44
N GLU A 295 -12.20 -23.40 3.70
CA GLU A 295 -11.20 -24.38 4.15
C GLU A 295 -11.20 -25.68 3.32
N ASN A 296 -12.38 -26.15 2.94
CA ASN A 296 -12.53 -27.40 2.16
C ASN A 296 -11.89 -27.33 0.76
N GLN A 297 -11.59 -26.11 0.29
CA GLN A 297 -11.01 -25.91 -1.03
C GLN A 297 -9.49 -25.92 -1.02
N LEU A 298 -8.88 -25.92 0.17
CA LEU A 298 -7.41 -25.96 0.25
C LEU A 298 -6.83 -27.23 -0.34
N LEU A 299 -5.73 -27.08 -1.06
CA LEU A 299 -4.96 -28.19 -1.57
C LEU A 299 -3.77 -28.30 -0.61
N GLN A 300 -3.97 -29.03 0.48
CA GLN A 300 -3.07 -28.94 1.65
C GLN A 300 -1.55 -28.94 1.35
N ASN A 301 -1.06 -29.89 0.54
CA ASN A 301 0.39 -29.99 0.29
C ASN A 301 0.90 -29.18 -0.89
N TYR A 302 0.09 -28.25 -1.37
CA TYR A 302 0.44 -27.47 -2.54
C TYR A 302 1.11 -26.17 -2.09
N GLN A 303 2.42 -26.23 -1.81
CA GLN A 303 3.10 -25.03 -1.28
C GLN A 303 4.09 -24.47 -2.29
N TYR A 304 4.26 -23.15 -2.29
CA TYR A 304 5.34 -22.51 -3.06
C TYR A 304 6.11 -21.56 -2.16
N GLU A 305 7.44 -21.64 -2.21
CA GLU A 305 8.28 -20.64 -1.50
C GLU A 305 8.51 -19.43 -2.40
N ILE A 306 8.28 -18.25 -1.84
CA ILE A 306 8.49 -16.97 -2.53
C ILE A 306 9.12 -15.98 -1.53
N ILE A 307 9.38 -14.76 -1.99
CA ILE A 307 9.93 -13.73 -1.11
C ILE A 307 9.09 -13.50 0.17
N ARG A 308 7.77 -13.63 0.02
CA ARG A 308 6.82 -13.37 1.11
C ARG A 308 6.51 -14.63 1.92
N GLY A 309 7.37 -15.63 1.82
CA GLY A 309 7.16 -16.86 2.61
C GLY A 309 6.62 -18.00 1.82
N THR A 310 5.61 -18.68 2.36
CA THR A 310 5.03 -19.84 1.73
C THR A 310 3.65 -19.49 1.20
N MET A 311 3.42 -19.75 -0.08
CA MET A 311 2.07 -19.63 -0.67
C MET A 311 1.44 -21.01 -0.63
N ILE A 312 0.11 -21.06 -0.51
CA ILE A 312 -0.58 -22.38 -0.54
C ILE A 312 -1.69 -22.40 -1.60
N GLY A 313 -1.89 -23.57 -2.17
CA GLY A 313 -2.88 -23.71 -3.26
C GLY A 313 -4.31 -23.86 -2.74
N LEU A 314 -5.27 -23.33 -3.49
CA LEU A 314 -6.68 -23.48 -3.15
C LEU A 314 -7.47 -23.55 -4.45
N GLU A 315 -8.42 -24.47 -4.55
CA GLU A 315 -9.10 -24.63 -5.84
C GLU A 315 -10.53 -24.11 -5.84
N GLY A 316 -10.95 -23.56 -6.98
CA GLY A 316 -12.36 -23.24 -7.17
C GLY A 316 -12.56 -21.87 -7.76
N LYS A 317 -13.77 -21.36 -7.59
CA LYS A 317 -14.13 -20.08 -8.23
C LYS A 317 -13.84 -18.89 -7.36
N ARG A 318 -13.81 -19.12 -6.05
CA ARG A 318 -13.66 -18.04 -5.10
C ARG A 318 -13.10 -18.51 -3.77
N PHE A 319 -12.55 -17.58 -2.99
CA PHE A 319 -12.27 -17.84 -1.58
C PHE A 319 -12.49 -16.57 -0.78
N THR A 320 -12.63 -16.72 0.53
CA THR A 320 -12.95 -15.58 1.39
C THR A 320 -11.97 -15.45 2.54
N THR A 321 -11.58 -14.20 2.86
CA THR A 321 -10.81 -13.91 4.09
C THR A 321 -11.64 -13.08 5.04
N GLU A 322 -11.34 -13.23 6.34
CA GLU A 322 -12.02 -12.48 7.38
C GLU A 322 -11.01 -11.80 8.28
N LEU A 323 -11.16 -10.48 8.41
CA LEU A 323 -10.27 -9.67 9.21
C LEU A 323 -11.06 -8.85 10.23
N THR A 324 -10.35 -8.26 11.20
CA THR A 324 -10.99 -7.44 12.22
C THR A 324 -10.47 -6.02 12.17
N TYR A 325 -11.38 -5.09 11.89
CA TYR A 325 -11.07 -3.66 11.96
C TYR A 325 -11.03 -3.24 13.43
N PRO A 326 -9.93 -2.59 13.87
CA PRO A 326 -9.77 -2.31 15.31
C PRO A 326 -10.25 -0.93 15.77
N GLY A 327 -10.86 -0.15 14.88
CA GLY A 327 -11.13 1.29 15.20
C GLY A 327 -9.95 2.21 14.94
N VAL A 328 -10.24 3.52 14.84
CA VAL A 328 -9.21 4.58 14.84
C VAL A 328 -9.75 5.72 15.70
N LEU A 329 -8.88 6.65 16.07
CA LEU A 329 -9.26 7.88 16.78
C LEU A 329 -8.80 9.12 16.02
N PRO A 330 -9.44 10.30 16.24
CA PRO A 330 -8.93 11.54 15.66
C PRO A 330 -7.65 12.07 16.33
N SER A 331 -7.38 11.56 17.54
N SER A 331 -7.37 11.54 17.53
CA SER A 331 -6.25 11.94 18.38
CA SER A 331 -6.29 11.97 18.42
C SER A 331 -6.34 11.04 19.60
C SER A 331 -6.36 11.06 19.63
N LEU A 332 -5.25 10.94 20.36
CA LEU A 332 -5.35 10.38 21.71
C LEU A 332 -6.11 11.42 22.53
N PRO A 333 -6.91 10.96 23.51
CA PRO A 333 -7.65 11.88 24.37
C PRO A 333 -6.73 12.45 25.47
N ASP A 334 -7.32 13.22 26.40
CA ASP A 334 -6.56 13.81 27.48
C ASP A 334 -6.62 12.89 28.70
N LEU A 335 -5.77 11.88 28.70
CA LEU A 335 -5.77 10.91 29.80
C LEU A 335 -4.39 10.73 30.44
N GLY A 336 -3.43 11.53 30.01
CA GLY A 336 -2.05 11.39 30.50
C GLY A 336 -1.80 12.05 31.85
N ASP A 337 -0.76 11.63 32.58
N ASP A 337 -0.73 11.61 32.50
CA ASP A 337 -0.39 12.36 33.80
CA ASP A 337 -0.24 12.21 33.74
C ASP A 337 0.77 13.33 33.55
C ASP A 337 0.89 13.22 33.48
N TYR A 338 0.74 14.01 32.41
CA TYR A 338 1.69 15.08 32.10
C TYR A 338 1.49 16.28 33.02
N ASP A 339 2.54 17.09 33.16
CA ASP A 339 2.45 18.44 33.70
C ASP A 339 1.76 19.26 32.61
N ARG A 340 0.54 19.73 32.90
CA ARG A 340 -0.28 20.44 31.89
C ARG A 340 0.36 21.75 31.43
N GLU A 341 0.98 22.46 32.37
CA GLU A 341 1.69 23.69 32.01
C GLU A 341 2.85 23.44 31.08
N ARG A 342 3.59 22.34 31.32
CA ARG A 342 4.72 21.96 30.47
C ARG A 342 4.21 21.64 29.04
N LEU A 343 3.11 20.90 28.95
CA LEU A 343 2.50 20.60 27.64
C LEU A 343 2.00 21.87 26.93
N ILE A 344 1.32 22.75 27.69
CA ILE A 344 0.90 24.06 27.13
C ILE A 344 2.12 24.83 26.57
N GLY A 345 3.23 24.82 27.29
CA GLY A 345 4.46 25.47 26.81
C GLY A 345 4.95 24.89 25.49
N TYR A 346 5.00 23.57 25.40
CA TYR A 346 5.37 22.89 24.16
C TYR A 346 4.39 23.22 23.01
N LEU A 347 3.11 23.36 23.32
CA LEU A 347 2.12 23.74 22.29
C LEU A 347 2.44 25.11 21.72
N HIS A 348 2.68 26.08 22.60
CA HIS A 348 3.09 27.41 22.15
C HIS A 348 4.43 27.42 21.42
N ASP A 349 5.39 26.57 21.86
CA ASP A 349 6.69 26.42 21.16
C ASP A 349 6.50 26.03 19.70
N ALA A 350 5.46 25.22 19.43
CA ALA A 350 5.21 24.71 18.08
C ALA A 350 4.75 25.78 17.09
N THR A 351 4.41 26.97 17.57
CA THR A 351 4.10 28.07 16.66
C THR A 351 5.34 28.53 15.89
N SER A 352 6.53 28.12 16.34
CA SER A 352 7.79 28.44 15.64
C SER A 352 8.05 27.57 14.43
N ASP A 353 7.37 26.43 14.37
CA ASP A 353 7.59 25.47 13.29
C ASP A 353 7.09 25.97 11.94
N TYR A 354 7.74 25.51 10.88
CA TYR A 354 7.37 25.89 9.52
C TYR A 354 7.68 24.74 8.57
N PRO A 355 7.04 24.73 7.39
CA PRO A 355 7.34 23.64 6.45
C PRO A 355 8.75 23.77 5.88
N THR A 356 9.41 22.63 5.65
CA THR A 356 10.80 22.63 5.17
C THR A 356 10.91 22.50 3.64
N GLY A 357 9.83 22.79 2.94
CA GLY A 357 9.82 22.75 1.48
C GLY A 357 8.45 23.19 1.00
N SER A 358 8.33 23.43 -0.30
CA SER A 358 7.09 23.94 -0.88
C SER A 358 6.32 22.84 -1.61
N ASP A 359 6.86 21.63 -1.61
CA ASP A 359 6.21 20.52 -2.32
C ASP A 359 5.11 19.90 -1.47
N THR A 360 4.27 19.08 -2.11
CA THR A 360 3.14 18.44 -1.42
C THR A 360 3.58 17.59 -0.23
N TYR A 361 4.76 16.97 -0.27
CA TYR A 361 5.18 16.13 0.84
C TYR A 361 5.63 16.97 2.06
N GLU A 362 6.53 17.92 1.84
CA GLU A 362 6.98 18.74 2.97
C GLU A 362 5.86 19.62 3.54
N LEU A 363 5.02 20.16 2.68
CA LEU A 363 3.86 20.90 3.14
C LEU A 363 2.90 19.95 3.89
N GLY A 364 2.71 18.75 3.32
CA GLY A 364 1.97 17.70 4.00
C GLY A 364 2.42 17.41 5.42
N LYS A 365 3.72 17.18 5.60
CA LYS A 365 4.23 16.92 6.95
C LYS A 365 3.87 18.06 7.91
N TYR A 366 3.97 19.30 7.42
CA TYR A 366 3.68 20.47 8.25
C TYR A 366 2.20 20.53 8.65
N ILE A 367 1.29 20.36 7.69
CA ILE A 367 -0.14 20.39 8.01
C ILE A 367 -0.55 19.20 8.89
N GLY A 368 0.11 18.04 8.73
CA GLY A 368 -0.16 16.92 9.64
C GLY A 368 0.23 17.30 11.07
N LYS A 369 1.37 17.99 11.18
CA LYS A 369 1.86 18.44 12.48
C LYS A 369 0.86 19.40 13.13
N LEU A 370 0.37 20.38 12.37
CA LEU A 370 -0.59 21.34 12.93
C LEU A 370 -1.89 20.63 13.31
N ALA A 371 -2.34 19.73 12.44
CA ALA A 371 -3.58 18.99 12.71
C ALA A 371 -3.45 18.11 13.98
N THR A 372 -2.24 17.62 14.25
CA THR A 372 -1.98 16.81 15.42
C THR A 372 -1.96 17.66 16.70
N LEU A 373 -1.49 18.91 16.57
CA LEU A 373 -1.41 19.83 17.72
C LEU A 373 -2.78 20.36 18.13
N ALA A 374 -3.66 20.61 17.17
CA ALA A 374 -4.93 21.31 17.47
C ALA A 374 -5.82 20.63 18.54
N PRO A 375 -6.06 19.29 18.45
CA PRO A 375 -6.86 18.63 19.50
C PRO A 375 -6.17 18.67 20.87
N ILE A 376 -4.83 18.63 20.88
CA ILE A 376 -4.08 18.67 22.15
C ILE A 376 -4.27 20.06 22.77
N ALA A 377 -4.20 21.11 21.95
CA ALA A 377 -4.51 22.49 22.44
C ALA A 377 -5.94 22.59 22.99
N ASP A 378 -6.92 22.02 22.27
CA ASP A 378 -8.32 21.97 22.78
C ASP A 378 -8.37 21.31 24.17
N GLN A 379 -7.68 20.19 24.29
CA GLN A 379 -7.64 19.43 25.55
C GLN A 379 -7.05 20.23 26.70
N MET A 380 -6.04 21.03 26.42
CA MET A 380 -5.35 21.81 27.45
C MET A 380 -6.06 23.12 27.76
N GLY A 381 -7.21 23.34 27.11
CA GLY A 381 -8.00 24.56 27.32
C GLY A 381 -7.50 25.75 26.52
N GLU A 382 -6.48 25.50 25.68
CA GLU A 382 -5.92 26.53 24.81
C GLU A 382 -6.72 26.62 23.51
N TYR A 383 -8.00 26.99 23.62
CA TYR A 383 -8.87 26.97 22.45
C TYR A 383 -8.47 27.99 21.38
N GLU A 384 -7.99 29.16 21.81
CA GLU A 384 -7.54 30.18 20.88
C GLU A 384 -6.32 29.71 20.05
N LEU A 385 -5.41 29.00 20.71
CA LEU A 385 -4.24 28.42 20.02
C LEU A 385 -4.69 27.31 19.08
N ALA A 386 -5.63 26.47 19.53
CA ALA A 386 -6.20 25.42 18.65
C ALA A 386 -6.79 26.05 17.39
N GLU A 387 -7.51 27.16 17.58
CA GLU A 387 -8.10 27.89 16.48
C GLU A 387 -7.05 28.51 15.58
N GLN A 388 -5.95 29.00 16.14
CA GLN A 388 -4.82 29.46 15.34
C GLN A 388 -4.30 28.33 14.41
N PHE A 389 -4.12 27.14 14.98
CA PHE A 389 -3.65 26.00 14.19
C PHE A 389 -4.65 25.65 13.10
N ARG A 390 -5.93 25.55 13.44
CA ARG A 390 -6.94 25.21 12.42
C ARG A 390 -7.08 26.31 11.36
N GLY A 391 -6.93 27.57 11.78
CA GLY A 391 -6.97 28.69 10.81
C GLY A 391 -5.81 28.62 9.83
N GLU A 392 -4.64 28.21 10.32
CA GLU A 392 -3.47 28.04 9.47
C GLU A 392 -3.71 26.89 8.49
N LEU A 393 -4.31 25.81 8.97
CA LEU A 393 -4.73 24.69 8.09
C LEU A 393 -5.70 25.14 7.01
N LYS A 394 -6.73 25.89 7.41
CA LYS A 394 -7.68 26.46 6.46
C LYS A 394 -6.98 27.36 5.42
N ASP A 395 -6.07 28.23 5.86
CA ASP A 395 -5.40 29.13 4.92
C ASP A 395 -4.61 28.36 3.88
N ILE A 396 -3.90 27.33 4.31
CA ILE A 396 -3.10 26.48 3.43
C ILE A 396 -3.97 25.68 2.47
N LEU A 397 -5.01 25.03 2.99
CA LEU A 397 -5.88 24.24 2.10
C LEU A 397 -6.68 25.11 1.15
N GLU A 398 -7.20 26.26 1.61
CA GLU A 398 -7.93 27.15 0.70
C GLU A 398 -7.06 27.70 -0.43
N ASP A 399 -5.75 27.79 -0.19
CA ASP A 399 -4.78 28.13 -1.23
C ASP A 399 -4.64 26.94 -2.21
N TRP A 400 -4.16 25.80 -1.70
CA TRP A 400 -3.85 24.65 -2.53
C TRP A 400 -5.05 24.08 -3.29
N LEU A 401 -6.24 24.18 -2.70
CA LEU A 401 -7.45 23.64 -3.34
C LEU A 401 -8.08 24.55 -4.41
N GLN A 402 -7.39 25.68 -4.69
N GLN A 402 -7.42 25.68 -4.73
CA GLN A 402 -7.75 26.61 -5.75
CA GLN A 402 -7.93 26.57 -5.79
C GLN A 402 -6.66 26.61 -6.80
C GLN A 402 -6.82 26.82 -6.80
N ALA A 403 -7.05 26.43 -8.05
CA ALA A 403 -6.05 26.40 -9.12
C ALA A 403 -5.79 27.77 -9.74
N THR A 404 -6.70 28.71 -9.49
CA THR A 404 -6.58 30.03 -10.12
C THR A 404 -6.25 31.12 -9.09
N ASN A 405 -5.60 32.17 -9.56
CA ASN A 405 -5.25 33.31 -8.71
C ASN A 405 -6.36 34.38 -8.74
N ALA A 406 -6.15 35.49 -8.05
CA ALA A 406 -7.19 36.54 -7.95
C ALA A 406 -7.66 37.07 -9.31
N SER A 407 -6.77 37.03 -10.31
CA SER A 407 -7.12 37.46 -11.66
C SER A 407 -7.86 36.41 -12.50
N GLY A 408 -7.87 35.17 -12.03
CA GLY A 408 -8.52 34.08 -12.75
C GLY A 408 -7.59 33.23 -13.61
N GLN A 409 -6.31 33.57 -13.66
N GLN A 409 -6.31 33.59 -13.63
CA GLN A 409 -5.35 32.77 -14.42
CA GLN A 409 -5.23 32.86 -14.32
C GLN A 409 -4.81 31.65 -13.53
C GLN A 409 -4.85 31.62 -13.49
N LEU A 410 -4.34 30.57 -14.16
CA LEU A 410 -3.74 29.44 -13.43
C LEU A 410 -2.53 29.89 -12.63
N LYS A 411 -2.47 29.43 -11.38
CA LYS A 411 -1.31 29.62 -10.52
C LYS A 411 -0.10 28.82 -11.03
N GLY A 412 1.09 29.18 -10.56
CA GLY A 412 2.32 28.47 -10.96
C GLY A 412 2.84 27.51 -9.90
N LYS A 413 2.19 27.52 -8.73
CA LYS A 413 2.54 26.60 -7.61
C LYS A 413 1.38 26.61 -6.62
N ASN A 414 1.40 25.65 -5.69
CA ASN A 414 0.33 25.45 -4.69
C ASN A 414 -1.01 25.18 -5.38
N LEU A 415 -1.03 24.18 -6.26
CA LEU A 415 -2.28 23.86 -6.96
C LEU A 415 -2.26 22.40 -7.41
N PHE A 416 -3.44 21.93 -7.76
CA PHE A 416 -3.65 20.58 -8.30
C PHE A 416 -4.09 20.65 -9.75
N TYR A 417 -3.65 19.65 -10.51
CA TYR A 417 -3.83 19.61 -11.95
C TYR A 417 -4.23 18.20 -12.34
N TYR A 418 -5.21 18.09 -13.22
CA TYR A 418 -5.65 16.78 -13.70
C TYR A 418 -4.92 16.42 -15.00
N ASN A 419 -4.01 15.44 -14.91
CA ASN A 419 -3.38 14.87 -16.09
C ASN A 419 -4.41 13.95 -16.73
N GLU A 420 -4.90 14.32 -17.91
CA GLU A 420 -5.92 13.52 -18.61
C GLU A 420 -5.37 12.23 -19.24
N ASN A 421 -4.12 12.28 -19.69
CA ASN A 421 -3.48 11.15 -20.38
C ASN A 421 -3.59 9.83 -19.57
N TRP A 422 -3.11 9.90 -18.33
CA TRP A 422 -3.26 8.81 -17.37
C TRP A 422 -4.56 8.89 -16.60
N GLY A 423 -4.95 10.10 -16.20
CA GLY A 423 -6.16 10.31 -15.38
C GLY A 423 -5.76 10.30 -13.92
N THR A 424 -5.11 11.38 -13.51
CA THR A 424 -4.61 11.50 -12.13
C THR A 424 -4.50 12.97 -11.73
N ILE A 425 -4.80 13.27 -10.47
CA ILE A 425 -4.54 14.61 -9.90
C ILE A 425 -3.10 14.69 -9.42
N LEU A 426 -2.38 15.69 -9.93
CA LEU A 426 -0.98 15.95 -9.60
C LEU A 426 -0.90 17.27 -8.88
N GLY A 427 -0.07 17.36 -7.84
CA GLY A 427 0.08 18.62 -7.09
C GLY A 427 1.44 19.23 -7.37
N TYR A 428 1.48 20.55 -7.58
CA TYR A 428 2.74 21.28 -7.78
C TYR A 428 2.88 22.36 -6.71
N HIS A 429 4.05 22.53 -6.07
CA HIS A 429 5.25 21.74 -6.36
C HIS A 429 5.16 20.28 -5.96
N ALA A 430 5.81 19.45 -6.79
CA ALA A 430 5.89 18.00 -6.60
C ALA A 430 7.26 17.60 -6.07
N ALA A 431 7.34 16.39 -5.50
CA ALA A 431 8.60 15.82 -4.99
C ALA A 431 8.43 14.33 -4.93
N HIS A 432 9.55 13.61 -4.80
CA HIS A 432 9.53 12.12 -4.73
C HIS A 432 8.86 11.49 -5.93
N SER A 433 8.89 12.22 -7.05
CA SER A 433 8.29 11.83 -8.34
C SER A 433 6.78 11.58 -8.23
N SER A 434 6.15 12.36 -7.33
CA SER A 434 4.68 12.34 -7.19
C SER A 434 3.99 12.73 -8.51
N ALA A 435 4.62 13.62 -9.29
CA ALA A 435 4.06 13.97 -10.60
C ALA A 435 4.68 13.17 -11.75
N THR A 436 6.00 13.10 -11.81
CA THR A 436 6.66 12.49 -12.96
C THR A 436 6.52 10.97 -13.01
N ARG A 437 6.29 10.35 -11.86
CA ARG A 437 6.13 8.89 -11.82
C ARG A 437 4.79 8.49 -11.19
N ILE A 438 3.93 9.45 -10.89
CA ILE A 438 2.64 9.20 -10.20
C ILE A 438 2.92 8.43 -8.89
N ASN A 439 3.96 8.85 -8.15
CA ASN A 439 4.31 8.17 -6.90
C ASN A 439 3.58 8.72 -5.69
N ASP A 440 3.33 7.86 -4.70
CA ASP A 440 3.14 8.32 -3.31
C ASP A 440 1.88 9.17 -3.09
N HIS A 441 0.83 9.04 -3.91
CA HIS A 441 -0.31 9.94 -3.73
C HIS A 441 -1.01 9.68 -2.40
N HIS A 442 -1.04 8.42 -1.95
CA HIS A 442 -1.56 8.17 -0.59
C HIS A 442 -0.71 8.86 0.48
N PHE A 443 0.62 8.73 0.38
CA PHE A 443 1.52 9.33 1.39
C PHE A 443 1.30 10.85 1.45
N HIS A 444 1.32 11.50 0.28
CA HIS A 444 1.22 12.97 0.29
C HIS A 444 -0.20 13.44 0.59
N TYR A 445 -1.17 12.91 -0.17
CA TYR A 445 -2.54 13.44 -0.05
C TYR A 445 -3.17 13.02 1.29
N GLY A 446 -2.63 11.95 1.88
CA GLY A 446 -3.03 11.55 3.24
C GLY A 446 -2.90 12.69 4.25
N TYR A 447 -1.85 13.50 4.11
CA TYR A 447 -1.66 14.65 5.01
C TYR A 447 -2.65 15.78 4.77
N PHE A 448 -2.99 16.00 3.50
CA PHE A 448 -4.05 16.97 3.15
C PHE A 448 -5.39 16.53 3.75
N VAL A 449 -5.67 15.24 3.68
CA VAL A 449 -6.92 14.71 4.25
C VAL A 449 -6.90 14.85 5.78
N LYS A 450 -5.75 14.62 6.41
CA LYS A 450 -5.62 14.82 7.87
C LYS A 450 -6.03 16.25 8.24
N ALA A 451 -5.44 17.21 7.55
CA ALA A 451 -5.75 18.63 7.80
C ALA A 451 -7.26 18.88 7.65
N ALA A 452 -7.85 18.36 6.57
CA ALA A 452 -9.29 18.55 6.33
C ALA A 452 -10.15 17.89 7.39
N ALA A 453 -9.76 16.69 7.84
CA ALA A 453 -10.49 15.94 8.87
C ALA A 453 -10.46 16.67 10.20
N GLU A 454 -9.33 17.30 10.53
CA GLU A 454 -9.25 18.08 11.78
C GLU A 454 -10.10 19.35 11.69
N ILE A 455 -10.11 20.00 10.52
CA ILE A 455 -10.97 21.16 10.30
C ILE A 455 -12.41 20.71 10.44
N ALA A 456 -12.77 19.61 9.78
CA ALA A 456 -14.16 19.09 9.81
C ALA A 456 -14.63 18.73 11.21
N ARG A 457 -13.71 18.28 12.07
CA ARG A 457 -14.05 17.89 13.45
C ARG A 457 -14.56 19.11 14.23
N ALA A 458 -14.09 20.30 13.85
CA ALA A 458 -14.49 21.54 14.51
C ALA A 458 -15.47 22.38 13.70
N ASP A 459 -15.52 22.17 12.38
CA ASP A 459 -16.29 23.04 11.48
C ASP A 459 -16.87 22.21 10.32
N GLN A 460 -18.10 21.75 10.51
CA GLN A 460 -18.74 20.94 9.46
C GLN A 460 -19.07 21.72 8.20
N GLU A 461 -19.31 23.03 8.36
N GLU A 461 -19.30 23.03 8.34
CA GLU A 461 -19.66 23.90 7.24
CA GLU A 461 -19.67 23.89 7.22
C GLU A 461 -18.54 23.96 6.19
C GLU A 461 -18.54 23.99 6.18
N TRP A 462 -17.31 24.20 6.66
CA TRP A 462 -16.12 24.26 5.79
C TRP A 462 -16.01 23.01 4.91
N ALA A 463 -16.30 21.86 5.53
CA ALA A 463 -16.17 20.53 4.92
C ALA A 463 -17.28 20.14 3.95
N LYS A 464 -18.35 20.95 3.85
CA LYS A 464 -19.45 20.61 2.92
C LYS A 464 -18.93 20.57 1.50
N SER A 465 -19.54 19.74 0.65
N SER A 465 -19.55 19.74 0.65
CA SER A 465 -19.07 19.55 -0.73
CA SER A 465 -19.10 19.55 -0.74
C SER A 465 -19.02 20.86 -1.55
C SER A 465 -19.03 20.85 -1.55
N GLU A 466 -20.03 21.73 -1.36
CA GLU A 466 -20.10 23.00 -2.11
C GLU A 466 -19.07 24.02 -1.57
N ASN A 467 -18.50 23.73 -0.41
CA ASN A 467 -17.43 24.55 0.11
C ASN A 467 -16.08 23.92 -0.24
N TRP A 468 -15.33 23.44 0.75
CA TRP A 468 -14.00 22.89 0.46
C TRP A 468 -13.98 21.36 0.41
N GLY A 469 -15.12 20.74 0.75
CA GLY A 469 -15.16 19.27 0.80
C GLY A 469 -15.09 18.61 -0.55
N GLY A 470 -15.58 19.28 -1.58
CA GLY A 470 -15.53 18.73 -2.94
C GLY A 470 -14.11 18.45 -3.40
N MET A 471 -13.22 19.40 -3.17
CA MET A 471 -11.81 19.25 -3.56
C MET A 471 -11.09 18.19 -2.73
N ILE A 472 -11.39 18.12 -1.43
CA ILE A 472 -10.86 17.03 -0.61
C ILE A 472 -11.33 15.67 -1.13
N ASP A 473 -12.62 15.55 -1.44
N ASP A 473 -12.63 15.57 -1.44
CA ASP A 473 -13.11 14.29 -1.98
CA ASP A 473 -13.21 14.34 -2.04
C ASP A 473 -12.52 13.94 -3.35
C ASP A 473 -12.49 13.96 -3.32
N LEU A 474 -12.14 14.97 -4.14
CA LEU A 474 -11.41 14.75 -5.38
C LEU A 474 -10.01 14.15 -5.13
N LEU A 475 -9.27 14.69 -4.16
CA LEU A 475 -7.95 14.14 -3.83
C LEU A 475 -8.08 12.70 -3.37
N ILE A 476 -9.12 12.42 -2.60
CA ILE A 476 -9.35 11.04 -2.09
C ILE A 476 -9.64 10.08 -3.24
N ARG A 477 -10.50 10.52 -4.16
CA ARG A 477 -10.81 9.72 -5.35
C ARG A 477 -9.57 9.43 -6.16
N ASP A 478 -8.65 10.39 -6.25
CA ASP A 478 -7.44 10.11 -6.99
C ASP A 478 -6.74 8.86 -6.44
N PHE A 479 -6.61 8.76 -5.12
CA PHE A 479 -5.77 7.69 -4.60
C PHE A 479 -6.51 6.43 -4.16
N MET A 480 -7.84 6.51 -4.05
CA MET A 480 -8.65 5.35 -3.64
C MET A 480 -10.09 5.42 -4.19
N ALA A 481 -10.21 5.62 -5.49
CA ALA A 481 -11.50 5.68 -6.16
C ALA A 481 -12.28 4.36 -6.04
N ASP A 482 -13.61 4.47 -6.02
CA ASP A 482 -14.45 3.30 -6.17
C ASP A 482 -14.50 2.91 -7.65
N ARG A 483 -15.25 1.85 -7.96
CA ARG A 483 -15.38 1.39 -9.34
C ARG A 483 -16.13 2.42 -10.18
N ASP A 484 -15.87 2.42 -11.48
CA ASP A 484 -16.62 3.29 -12.43
C ASP A 484 -16.52 4.78 -12.12
N ASP A 485 -15.35 5.20 -11.63
CA ASP A 485 -15.07 6.61 -11.43
C ASP A 485 -14.65 7.18 -12.79
N ASP A 486 -15.33 8.24 -13.25
CA ASP A 486 -15.04 8.80 -14.57
C ASP A 486 -13.63 9.38 -14.72
N LEU A 487 -13.01 9.75 -13.61
CA LEU A 487 -11.71 10.42 -13.65
C LEU A 487 -10.51 9.54 -13.28
N PHE A 488 -10.77 8.51 -12.48
CA PHE A 488 -9.66 7.78 -11.84
C PHE A 488 -9.81 6.28 -11.92
N PRO A 489 -8.68 5.53 -11.96
CA PRO A 489 -8.79 4.06 -11.91
C PRO A 489 -9.21 3.56 -10.53
N TYR A 490 -9.63 2.30 -10.45
CA TYR A 490 -10.11 1.73 -9.20
C TYR A 490 -8.99 1.60 -8.15
N LEU A 491 -9.22 2.16 -6.96
CA LEU A 491 -8.34 1.99 -5.78
C LEU A 491 -6.87 2.10 -6.18
N ARG A 492 -6.51 3.26 -6.72
CA ARG A 492 -5.21 3.41 -7.40
C ARG A 492 -4.04 2.75 -6.65
N MET A 493 -3.91 3.11 -5.37
CA MET A 493 -2.71 2.68 -4.64
C MET A 493 -2.72 1.20 -4.30
N PHE A 494 -3.90 0.64 -4.15
CA PHE A 494 -4.00 -0.64 -3.46
C PHE A 494 -3.99 -1.85 -4.38
N ASP A 495 -3.34 -2.91 -3.91
CA ASP A 495 -3.33 -4.18 -4.63
C ASP A 495 -4.15 -5.12 -3.73
N PRO A 496 -5.43 -5.39 -4.10
CA PRO A 496 -6.30 -6.11 -3.18
C PRO A 496 -5.82 -7.54 -2.89
N TYR A 497 -5.00 -8.11 -3.77
CA TYR A 497 -4.58 -9.50 -3.59
C TYR A 497 -3.27 -9.58 -2.82
N SER A 498 -2.26 -8.79 -3.23
CA SER A 498 -1.01 -8.70 -2.45
C SER A 498 -1.27 -8.14 -1.04
N GLY A 499 -2.35 -7.37 -0.89
CA GLY A 499 -2.79 -6.93 0.44
C GLY A 499 -2.21 -5.60 0.91
N ASN A 500 -1.42 -4.96 0.06
CA ASN A 500 -0.72 -3.72 0.41
C ASN A 500 -0.85 -2.72 -0.74
N SER A 501 -0.53 -1.46 -0.44
N SER A 501 -0.58 -1.45 -0.44
CA SER A 501 -0.38 -0.44 -1.46
CA SER A 501 -0.47 -0.45 -1.49
C SER A 501 0.99 -0.52 -2.10
C SER A 501 0.95 -0.42 -2.06
N TRP A 502 1.07 -0.02 -3.33
CA TRP A 502 2.37 0.08 -4.04
C TRP A 502 2.62 1.54 -4.31
N ALA A 503 3.77 2.03 -3.89
CA ALA A 503 4.04 3.47 -3.92
C ALA A 503 4.43 4.03 -5.29
N ASP A 504 5.01 3.21 -6.16
CA ASP A 504 5.54 3.76 -7.42
C ASP A 504 4.46 3.68 -8.50
N GLY A 505 4.17 4.80 -9.16
CA GLY A 505 3.08 4.81 -10.16
C GLY A 505 3.44 3.96 -11.38
N LEU A 506 4.72 3.90 -11.72
CA LEU A 506 5.15 3.25 -12.99
C LEU A 506 5.64 1.81 -12.88
N ALA A 507 6.26 1.46 -11.75
CA ALA A 507 6.76 0.09 -11.45
C ALA A 507 7.93 -0.37 -12.34
N THR A 508 8.66 0.60 -12.89
CA THR A 508 9.75 0.32 -13.83
C THR A 508 11.04 0.01 -13.08
N PHE A 509 10.99 -1.14 -12.40
CA PHE A 509 12.11 -1.73 -11.69
C PHE A 509 12.06 -3.23 -11.93
N ASP A 510 13.24 -3.85 -11.95
CA ASP A 510 13.31 -5.31 -12.05
C ASP A 510 12.95 -6.06 -10.78
N ALA A 511 12.66 -5.34 -9.69
CA ALA A 511 12.12 -5.96 -8.48
C ALA A 511 10.60 -5.81 -8.39
N GLY A 512 9.98 -5.35 -9.46
CA GLY A 512 8.52 -5.04 -9.46
C GLY A 512 8.24 -3.69 -8.79
N ASN A 513 7.07 -3.57 -8.19
CA ASN A 513 6.72 -2.33 -7.48
C ASN A 513 7.27 -2.38 -6.04
N ASN A 514 7.20 -1.26 -5.32
CA ASN A 514 7.70 -1.23 -3.93
C ASN A 514 6.81 -0.38 -3.04
N GLN A 515 6.87 -0.61 -1.73
CA GLN A 515 6.38 0.35 -0.74
C GLN A 515 7.35 0.42 0.41
N GLN A 516 7.73 1.64 0.76
CA GLN A 516 8.58 1.87 1.93
C GLN A 516 7.75 2.24 3.16
N SER A 517 7.11 3.41 3.19
CA SER A 517 6.44 3.81 4.43
C SER A 517 5.03 3.23 4.51
N SER A 518 4.91 2.01 5.00
CA SER A 518 3.57 1.42 5.22
C SER A 518 2.74 2.21 6.22
N SER A 519 3.41 2.89 7.15
CA SER A 519 2.72 3.73 8.13
C SER A 519 2.12 4.99 7.48
N GLU A 520 2.75 5.55 6.45
CA GLU A 520 2.10 6.69 5.76
C GLU A 520 0.91 6.23 4.91
N ALA A 521 0.93 4.96 4.46
CA ALA A 521 -0.28 4.37 3.82
C ALA A 521 -1.39 4.26 4.86
N MET A 522 -1.08 3.67 6.02
CA MET A 522 -2.07 3.52 7.09
C MET A 522 -2.61 4.88 7.58
N HIS A 523 -1.76 5.89 7.58
CA HIS A 523 -2.14 7.27 7.92
C HIS A 523 -3.18 7.78 6.92
N ALA A 524 -2.92 7.57 5.61
CA ALA A 524 -3.89 7.99 4.60
C ALA A 524 -5.24 7.31 4.83
N TRP A 525 -5.24 6.00 5.08
CA TRP A 525 -6.51 5.30 5.27
C TRP A 525 -7.24 5.81 6.52
N THR A 526 -6.48 6.00 7.59
CA THR A 526 -7.04 6.55 8.85
C THR A 526 -7.75 7.86 8.57
N ASN A 527 -7.09 8.75 7.84
CA ASN A 527 -7.64 10.09 7.64
C ASN A 527 -8.87 10.11 6.77
N VAL A 528 -8.94 9.20 5.81
CA VAL A 528 -10.18 9.03 5.05
C VAL A 528 -11.32 8.50 5.95
N ILE A 529 -11.01 7.56 6.86
CA ILE A 529 -12.04 7.09 7.81
C ILE A 529 -12.55 8.30 8.61
N LEU A 530 -11.63 9.12 9.13
CA LEU A 530 -12.02 10.30 9.95
C LEU A 530 -12.81 11.34 9.17
N TRP A 531 -12.30 11.67 7.98
CA TRP A 531 -12.95 12.65 7.09
C TRP A 531 -14.36 12.19 6.73
N ALA A 532 -14.46 10.91 6.33
CA ALA A 532 -15.75 10.38 5.91
C ALA A 532 -16.73 10.27 7.08
N GLU A 533 -16.21 9.93 8.27
CA GLU A 533 -17.09 9.92 9.45
C GLU A 533 -17.59 11.34 9.75
N ALA A 534 -16.68 12.31 9.71
CA ALA A 534 -17.04 13.70 10.02
C ALA A 534 -18.05 14.30 9.03
N THR A 535 -17.99 13.85 7.78
CA THR A 535 -18.82 14.40 6.71
C THR A 535 -20.01 13.53 6.34
N GLY A 536 -20.23 12.45 7.09
CA GLY A 536 -21.41 11.60 6.96
C GLY A 536 -21.43 10.77 5.69
N ASN A 537 -20.24 10.35 5.23
CA ASN A 537 -20.08 9.60 3.96
C ASN A 537 -19.77 8.12 4.28
N LYS A 538 -20.82 7.33 4.48
CA LYS A 538 -20.66 5.95 4.92
C LYS A 538 -19.89 5.07 3.91
N ALA A 539 -20.21 5.21 2.62
CA ALA A 539 -19.59 4.35 1.59
C ALA A 539 -18.07 4.60 1.53
N LEU A 540 -17.67 5.88 1.58
CA LEU A 540 -16.25 6.25 1.59
C LEU A 540 -15.55 5.75 2.88
N ARG A 541 -16.20 5.96 4.02
CA ARG A 541 -15.66 5.51 5.30
C ARG A 541 -15.38 4.00 5.26
N ASP A 542 -16.35 3.24 4.76
CA ASP A 542 -16.24 1.78 4.81
C ASP A 542 -15.15 1.30 3.87
N ARG A 543 -14.97 1.97 2.73
CA ARG A 543 -13.88 1.62 1.81
C ARG A 543 -12.53 1.86 2.47
N ALA A 544 -12.41 2.98 3.20
CA ALA A 544 -11.17 3.25 3.92
C ALA A 544 -10.92 2.27 5.07
N ILE A 545 -12.01 1.80 5.71
CA ILE A 545 -11.91 0.76 6.75
C ILE A 545 -11.39 -0.56 6.15
N TYR A 546 -11.91 -0.92 4.97
CA TYR A 546 -11.44 -2.11 4.26
C TYR A 546 -9.94 -2.00 3.96
N LEU A 547 -9.51 -0.82 3.51
CA LEU A 547 -8.10 -0.58 3.18
C LEU A 547 -7.21 -0.64 4.42
N TYR A 548 -7.61 0.08 5.46
CA TYR A 548 -6.88 0.10 6.73
C TYR A 548 -6.68 -1.32 7.24
N THR A 549 -7.76 -2.11 7.24
CA THR A 549 -7.73 -3.42 7.86
C THR A 549 -6.92 -4.43 7.03
N THR A 550 -7.07 -4.37 5.70
CA THR A 550 -6.30 -5.27 4.84
C THR A 550 -4.84 -4.89 4.86
N GLU A 551 -4.54 -3.61 4.71
CA GLU A 551 -3.15 -3.15 4.73
C GLU A 551 -2.47 -3.60 6.04
N MET A 552 -3.19 -3.48 7.15
CA MET A 552 -2.66 -3.92 8.46
C MET A 552 -2.21 -5.39 8.39
N SER A 553 -3.04 -6.27 7.79
CA SER A 553 -2.70 -7.69 7.69
C SER A 553 -1.41 -7.92 6.90
N ALA A 554 -1.21 -7.15 5.83
CA ALA A 554 0.01 -7.30 5.05
C ALA A 554 1.23 -6.73 5.77
N ILE A 555 1.04 -5.62 6.49
CA ILE A 555 2.16 -5.02 7.27
C ILE A 555 2.69 -6.00 8.32
N ASN A 556 1.77 -6.62 9.06
CA ASN A 556 2.21 -7.53 10.12
C ASN A 556 2.94 -8.76 9.58
N GLU A 557 2.62 -9.18 8.36
CA GLU A 557 3.36 -10.28 7.73
C GLU A 557 4.68 -9.84 7.12
N TYR A 558 4.64 -8.87 6.21
CA TYR A 558 5.77 -8.65 5.27
C TYR A 558 6.73 -7.56 5.69
N PHE A 559 6.25 -6.61 6.47
CA PHE A 559 7.14 -5.60 7.06
C PHE A 559 7.66 -6.02 8.43
N PHE A 560 6.77 -6.58 9.26
CA PHE A 560 7.16 -6.94 10.61
C PHE A 560 7.48 -8.42 10.82
N ASP A 561 6.91 -9.29 10.00
CA ASP A 561 6.95 -10.76 10.24
C ASP A 561 6.65 -11.10 11.70
N VAL A 562 5.51 -10.63 12.20
CA VAL A 562 5.20 -10.80 13.63
C VAL A 562 5.16 -12.29 14.03
N HIS A 563 4.81 -13.16 13.08
CA HIS A 563 4.73 -14.62 13.37
C HIS A 563 6.07 -15.35 13.26
N GLN A 564 7.13 -14.64 12.87
CA GLN A 564 8.49 -15.20 12.73
C GLN A 564 8.51 -16.46 11.85
N GLU A 565 7.90 -16.30 10.67
CA GLU A 565 7.80 -17.38 9.71
C GLU A 565 8.32 -17.02 8.33
N ILE A 566 8.48 -15.73 8.05
CA ILE A 566 8.71 -15.26 6.68
C ILE A 566 10.16 -14.86 6.41
N PHE A 567 10.74 -14.04 7.29
CA PHE A 567 12.11 -13.58 7.05
C PHE A 567 13.05 -14.77 7.26
N PRO A 568 14.09 -14.90 6.43
CA PRO A 568 15.07 -15.97 6.65
C PRO A 568 15.72 -15.87 8.03
N GLU A 569 16.07 -17.00 8.65
CA GLU A 569 16.65 -16.99 10.00
C GLU A 569 17.91 -16.11 10.07
N GLU A 570 18.68 -16.13 8.99
CA GLU A 570 19.97 -15.41 8.93
C GLU A 570 19.81 -13.90 8.68
N TYR A 571 18.58 -13.45 8.38
CA TYR A 571 18.32 -12.01 8.27
C TYR A 571 18.33 -11.40 9.67
N GLY A 572 19.26 -10.47 9.90
CA GLY A 572 19.49 -9.88 11.22
C GLY A 572 18.41 -8.94 11.73
N PRO A 573 17.95 -7.99 10.88
CA PRO A 573 16.99 -7.02 11.42
C PRO A 573 15.62 -7.61 11.78
N GLU A 574 14.86 -6.81 12.53
CA GLU A 574 13.51 -7.21 12.93
C GLU A 574 12.42 -6.44 12.17
N ILE A 575 12.80 -5.89 11.02
CA ILE A 575 11.88 -5.21 10.12
C ILE A 575 12.45 -5.25 8.72
N VAL A 576 11.55 -5.31 7.74
CA VAL A 576 11.87 -5.06 6.35
C VAL A 576 11.35 -3.66 6.08
N THR A 577 12.24 -2.79 5.60
CA THR A 577 11.94 -1.36 5.43
C THR A 577 11.22 -1.13 4.10
N ILE A 578 11.71 -1.78 3.04
CA ILE A 578 11.07 -1.64 1.72
C ILE A 578 10.67 -3.03 1.25
N ASN A 579 9.38 -3.20 0.98
CA ASN A 579 8.89 -4.42 0.36
C ASN A 579 8.74 -4.20 -1.13
N TRP A 580 9.31 -5.14 -1.89
CA TRP A 580 9.20 -5.15 -3.34
C TRP A 580 8.44 -6.37 -3.81
N GLY A 581 7.97 -6.39 -5.05
CA GLY A 581 7.40 -7.62 -5.62
C GLY A 581 8.38 -8.77 -5.47
N GLY A 582 9.67 -8.52 -5.65
CA GLY A 582 10.64 -9.63 -5.76
C GLY A 582 11.74 -9.71 -4.72
N LYS A 583 11.74 -8.79 -3.76
CA LYS A 583 12.86 -8.73 -2.81
C LYS A 583 12.44 -7.90 -1.61
N MET A 584 13.27 -7.93 -0.55
CA MET A 584 12.97 -7.21 0.69
C MET A 584 14.26 -6.53 1.11
N ASP A 585 14.18 -5.26 1.46
CA ASP A 585 15.38 -4.52 1.89
C ASP A 585 15.22 -3.92 3.27
N HIS A 586 16.33 -3.96 4.02
CA HIS A 586 16.50 -3.10 5.19
C HIS A 586 17.40 -1.97 4.70
N ALA A 587 16.74 -0.92 4.19
CA ALA A 587 17.40 0.16 3.43
C ALA A 587 16.32 1.21 3.22
N THR A 588 16.73 2.43 2.88
CA THR A 588 15.79 3.50 2.61
C THR A 588 16.00 4.13 1.25
N TRP A 589 14.99 4.86 0.79
CA TRP A 589 15.08 5.54 -0.48
C TRP A 589 16.01 6.76 -0.46
N TRP A 590 16.40 7.18 0.75
CA TRP A 590 17.44 8.22 0.90
C TRP A 590 18.55 7.69 1.79
N ASN A 591 19.71 8.34 1.76
CA ASN A 591 20.83 7.89 2.62
C ASN A 591 20.55 8.22 4.08
N SER A 592 20.33 7.19 4.88
CA SER A 592 19.85 7.36 6.27
C SER A 592 20.72 6.57 7.24
N GLY A 593 20.43 6.72 8.52
CA GLY A 593 21.07 5.94 9.59
C GLY A 593 20.21 4.80 10.10
N LYS A 594 20.52 4.33 11.32
CA LYS A 594 19.95 3.10 11.86
C LYS A 594 18.49 3.20 12.22
N VAL A 595 18.13 4.27 12.94
CA VAL A 595 16.75 4.44 13.43
C VAL A 595 15.77 4.53 12.27
N GLU A 596 16.14 5.27 11.23
CA GLU A 596 15.20 5.61 10.14
C GLU A 596 14.77 4.34 9.41
N LYS A 597 15.64 3.33 9.38
CA LYS A 597 15.32 2.09 8.67
C LYS A 597 14.24 1.26 9.43
N TYR A 598 13.98 1.62 10.70
CA TYR A 598 12.81 1.10 11.43
C TYR A 598 11.67 2.12 11.36
N ALA A 599 11.96 3.35 11.76
CA ALA A 599 10.92 4.35 12.07
C ALA A 599 10.17 4.92 10.86
N ILE A 600 10.71 4.71 9.65
CA ILE A 600 9.97 5.09 8.45
C ILE A 600 8.69 4.25 8.28
N ASN A 601 8.63 3.11 8.97
CA ASN A 601 7.41 2.31 9.05
C ASN A 601 6.60 2.51 10.33
N TRP A 602 6.94 3.55 11.09
CA TRP A 602 6.16 3.93 12.28
C TRP A 602 5.51 5.28 12.07
N LEU A 603 6.22 6.22 11.43
CA LEU A 603 5.78 7.61 11.37
C LEU A 603 4.67 7.85 10.31
N PRO A 604 3.84 8.88 10.49
CA PRO A 604 3.76 9.73 11.67
C PRO A 604 2.97 9.05 12.77
N PHE A 605 3.11 9.51 14.02
CA PHE A 605 2.23 9.02 15.09
C PHE A 605 0.96 9.85 15.13
N HIS A 606 -0.18 9.16 15.14
CA HIS A 606 -1.49 9.80 15.10
C HIS A 606 -2.51 8.87 15.73
N GLY A 607 -3.77 9.26 15.69
CA GLY A 607 -4.84 8.49 16.36
C GLY A 607 -5.19 7.16 15.66
N GLY A 608 -4.66 6.95 14.46
CA GLY A 608 -4.76 5.64 13.80
C GLY A 608 -3.54 4.73 13.98
N SER A 609 -2.56 5.14 14.78
CA SER A 609 -1.28 4.43 14.91
C SER A 609 -1.32 3.21 15.80
N LEU A 610 -2.45 2.96 16.47
CA LEU A 610 -2.46 1.94 17.53
C LEU A 610 -2.32 0.52 16.99
N TYR A 611 -2.53 0.35 15.68
CA TYR A 611 -2.24 -0.95 15.05
C TYR A 611 -0.80 -1.39 15.28
N LEU A 612 0.12 -0.42 15.47
CA LEU A 612 1.53 -0.74 15.72
C LEU A 612 1.76 -1.48 17.02
N GLY A 613 0.76 -1.44 17.91
CA GLY A 613 0.92 -2.04 19.24
C GLY A 613 0.18 -3.35 19.46
N HIS A 614 -0.39 -3.94 18.41
CA HIS A 614 -1.20 -5.18 18.56
C HIS A 614 -0.37 -6.40 18.93
N HIS A 615 0.92 -6.35 18.64
CA HIS A 615 1.81 -7.50 18.86
C HIS A 615 2.95 -7.08 19.78
N PRO A 616 2.69 -7.07 21.09
CA PRO A 616 3.72 -6.54 22.01
C PRO A 616 5.04 -7.30 22.02
N ASP A 617 5.05 -8.61 21.75
CA ASP A 617 6.34 -9.32 21.65
C ASP A 617 7.13 -8.84 20.45
N TYR A 618 6.42 -8.56 19.36
CA TYR A 618 7.07 -7.97 18.21
C TYR A 618 7.68 -6.59 18.56
N VAL A 619 6.86 -5.73 19.19
CA VAL A 619 7.32 -4.36 19.55
C VAL A 619 8.61 -4.44 20.41
N ASP A 620 8.60 -5.34 21.38
CA ASP A 620 9.79 -5.56 22.20
C ASP A 620 11.00 -6.06 21.40
N ARG A 621 10.78 -7.07 20.56
CA ARG A 621 11.82 -7.71 19.77
C ARG A 621 12.46 -6.71 18.79
N ALA A 622 11.62 -5.94 18.11
CA ALA A 622 12.10 -4.93 17.16
C ALA A 622 12.87 -3.81 17.89
N TYR A 623 12.28 -3.27 18.95
CA TYR A 623 12.96 -2.25 19.75
C TYR A 623 14.32 -2.76 20.27
N GLU A 624 14.35 -3.97 20.81
CA GLU A 624 15.59 -4.50 21.40
C GLU A 624 16.67 -4.70 20.35
N GLU A 625 16.27 -5.09 19.13
CA GLU A 625 17.22 -5.25 18.04
C GLU A 625 17.80 -3.90 17.60
N LEU A 626 16.95 -2.89 17.48
CA LEU A 626 17.41 -1.54 17.17
C LEU A 626 18.35 -1.03 18.28
N ARG A 627 17.97 -1.27 19.52
CA ARG A 627 18.80 -0.82 20.66
C ARG A 627 20.16 -1.52 20.65
N ARG A 628 20.15 -2.83 20.37
CA ARG A 628 21.39 -3.63 20.27
C ARG A 628 22.31 -3.03 19.23
N ASP A 629 21.77 -2.76 18.04
CA ASP A 629 22.56 -2.20 16.95
C ASP A 629 23.10 -0.79 17.21
N ILE A 630 22.26 0.06 17.79
CA ILE A 630 22.70 1.40 18.20
C ILE A 630 23.78 1.27 19.28
N GLY A 631 23.55 0.37 20.25
CA GLY A 631 24.51 0.08 21.31
C GLY A 631 24.19 0.81 22.60
N SER A 632 23.11 1.59 22.60
CA SER A 632 22.65 2.36 23.77
C SER A 632 21.28 2.92 23.39
N THR A 633 20.76 3.84 24.20
CA THR A 633 19.57 4.59 23.81
C THR A 633 19.92 5.96 23.24
N ASP A 634 21.16 6.13 22.77
CA ASP A 634 21.55 7.37 22.11
C ASP A 634 21.18 7.26 20.62
N TRP A 635 19.90 7.51 20.32
CA TRP A 635 19.37 7.29 18.94
C TRP A 635 20.06 8.22 17.96
N ASN A 636 20.44 7.71 16.77
CA ASN A 636 21.21 8.52 15.82
C ASN A 636 20.38 9.68 15.25
N LEU A 637 19.06 9.50 15.21
CA LEU A 637 18.14 10.47 14.66
C LEU A 637 16.73 10.10 15.12
N TRP A 638 15.83 11.09 15.07
CA TRP A 638 14.42 10.84 15.35
C TRP A 638 14.17 10.17 16.70
N SER A 639 14.91 10.58 17.75
CA SER A 639 14.77 9.96 19.07
C SER A 639 13.32 9.86 19.54
N ASN A 640 12.55 10.94 19.32
CA ASN A 640 11.18 10.99 19.83
C ASN A 640 10.31 9.87 19.27
N LEU A 641 10.53 9.50 18.00
CA LEU A 641 9.78 8.39 17.40
C LEU A 641 10.11 7.06 18.08
N VAL A 642 11.38 6.88 18.46
CA VAL A 642 11.76 5.67 19.19
C VAL A 642 11.07 5.63 20.57
N TRP A 643 11.07 6.76 21.27
CA TRP A 643 10.42 6.81 22.59
C TRP A 643 8.93 6.50 22.46
N MET A 644 8.28 7.09 21.45
CA MET A 644 6.84 6.85 21.24
C MET A 644 6.53 5.40 20.94
N TYR A 645 7.37 4.79 20.12
CA TYR A 645 7.24 3.36 19.80
C TYR A 645 7.46 2.48 21.03
N ARG A 646 8.51 2.76 21.78
CA ARG A 646 8.84 2.03 23.00
C ARG A 646 7.69 2.07 23.99
N ALA A 647 6.94 3.19 24.02
CA ALA A 647 5.79 3.32 24.93
C ALA A 647 4.65 2.32 24.71
N PHE A 648 4.62 1.64 23.56
CA PHE A 648 3.63 0.60 23.33
C PHE A 648 3.79 -0.57 24.31
N THR A 649 5.01 -0.80 24.79
CA THR A 649 5.22 -1.93 25.74
C THR A 649 5.91 -1.54 27.03
N ASN A 650 6.64 -0.44 27.02
CA ASN A 650 7.40 -0.03 28.21
C ASN A 650 7.38 1.51 28.37
N PRO A 651 6.23 2.04 28.80
CA PRO A 651 6.16 3.49 28.90
C PRO A 651 7.08 4.07 30.00
N ASP A 652 7.45 3.27 31.01
CA ASP A 652 8.40 3.75 32.04
C ASP A 652 9.76 4.08 31.41
N ASP A 653 10.20 3.19 30.52
CA ASP A 653 11.47 3.32 29.82
C ASP A 653 11.40 4.48 28.84
N ALA A 654 10.31 4.54 28.06
CA ALA A 654 10.07 5.67 27.16
C ALA A 654 10.11 7.01 27.92
N LEU A 655 9.45 7.05 29.08
CA LEU A 655 9.42 8.26 29.90
C LEU A 655 10.80 8.68 30.37
N GLN A 656 11.60 7.71 30.83
CA GLN A 656 12.94 8.07 31.33
C GLN A 656 13.85 8.59 30.20
N GLN A 657 13.75 7.97 29.01
CA GLN A 657 14.51 8.46 27.86
C GLN A 657 14.06 9.86 27.45
N MET A 658 12.75 10.07 27.47
CA MET A 658 12.15 11.36 27.10
C MET A 658 12.61 12.46 28.08
N GLU A 659 12.53 12.16 29.37
CA GLU A 659 12.93 13.17 30.40
C GLU A 659 14.39 13.57 30.23
N ALA A 660 15.22 12.58 29.92
CA ALA A 660 16.66 12.79 29.81
C ALA A 660 17.03 13.71 28.65
N SER A 661 16.26 13.67 27.55
CA SER A 661 16.71 14.34 26.31
C SER A 661 15.75 15.27 25.58
N ILE A 662 14.46 15.26 25.91
CA ILE A 662 13.46 16.02 25.10
C ILE A 662 13.82 17.51 24.99
N ASP A 663 14.34 18.07 26.09
CA ASP A 663 14.69 19.48 26.12
C ASP A 663 16.16 19.78 25.78
N ASP A 664 16.86 18.83 25.17
CA ASP A 664 18.27 19.02 24.72
C ASP A 664 18.50 20.21 23.81
N TYR A 665 17.55 20.43 22.90
CA TYR A 665 17.52 21.59 22.04
C TYR A 665 16.20 22.34 22.19
N GLY A 666 16.17 23.59 21.71
CA GLY A 666 15.03 24.48 21.92
C GLY A 666 13.95 24.39 20.86
N LEU A 667 13.73 25.50 20.16
CA LEU A 667 12.67 25.62 19.16
C LEU A 667 13.05 24.91 17.88
N PHE A 668 12.06 24.82 16.99
CA PHE A 668 12.17 24.12 15.71
C PHE A 668 13.44 24.51 14.97
N ASP A 669 14.21 23.50 14.58
CA ASP A 669 15.42 23.68 13.80
C ASP A 669 15.43 22.64 12.69
N PRO A 670 15.23 23.06 11.43
CA PRO A 670 15.21 22.09 10.30
C PRO A 670 16.53 21.33 10.14
N GLY A 671 17.62 21.94 10.55
CA GLY A 671 18.93 21.30 10.43
C GLY A 671 19.18 20.19 11.43
N ASN A 672 18.27 19.97 12.38
CA ASN A 672 18.58 19.09 13.51
C ASN A 672 17.39 18.22 13.91
N GLU A 673 17.38 16.98 13.42
CA GLU A 673 16.30 16.03 13.73
C GLU A 673 16.79 14.94 14.69
N LYS A 674 17.88 15.22 15.42
CA LYS A 674 18.41 14.23 16.37
C LYS A 674 17.37 13.81 17.41
N ILE A 675 16.69 14.79 18.01
CA ILE A 675 15.75 14.55 19.11
C ILE A 675 14.32 14.54 18.61
N ILE A 676 13.94 15.55 17.83
CA ILE A 676 12.56 15.62 17.28
C ILE A 676 12.59 15.51 15.76
N GLU A 677 11.93 14.46 15.24
CA GLU A 677 11.75 14.28 13.79
C GLU A 677 10.91 15.46 13.23
N ARG A 678 11.20 15.90 12.00
CA ARG A 678 10.67 17.20 11.56
C ARG A 678 9.17 17.25 11.33
N GLY A 679 8.53 16.10 11.19
CA GLY A 679 7.07 16.03 11.14
C GLY A 679 6.40 15.90 12.50
N SER A 680 7.23 15.78 13.55
N SER A 680 7.21 15.86 13.56
CA SER A 680 6.79 15.58 14.94
CA SER A 680 6.75 15.63 14.91
C SER A 680 6.99 16.87 15.78
C SER A 680 7.00 16.86 15.79
N THR A 681 6.48 16.84 17.01
CA THR A 681 6.69 17.96 17.98
C THR A 681 6.98 17.44 19.38
N LYS A 682 7.58 18.29 20.22
CA LYS A 682 7.70 17.97 21.64
C LYS A 682 6.30 17.77 22.25
N ALA A 683 5.34 18.61 21.87
CA ALA A 683 3.99 18.49 22.41
C ALA A 683 3.37 17.13 22.09
N GLN A 684 3.49 16.70 20.84
CA GLN A 684 2.93 15.39 20.46
C GLN A 684 3.61 14.25 21.23
N THR A 685 4.93 14.34 21.33
CA THR A 685 5.74 13.29 21.98
C THR A 685 5.35 13.15 23.46
N TYR A 686 5.25 14.31 24.12
CA TYR A 686 4.97 14.39 25.57
C TYR A 686 3.55 13.89 25.89
N HIS A 687 2.58 14.32 25.06
CA HIS A 687 1.18 13.90 25.15
C HIS A 687 1.03 12.38 24.89
N TRP A 688 1.73 11.87 23.87
CA TRP A 688 1.62 10.44 23.51
C TRP A 688 2.14 9.56 24.65
N ILE A 689 3.37 9.83 25.08
CA ILE A 689 4.04 8.93 26.01
C ILE A 689 3.30 8.93 27.37
N HIS A 690 2.89 10.11 27.83
CA HIS A 690 2.14 10.15 29.09
C HIS A 690 0.77 9.49 28.99
N ASN A 691 0.09 9.61 27.85
CA ASN A 691 -1.15 8.87 27.64
C ASN A 691 -0.96 7.35 27.72
N LEU A 692 0.06 6.84 27.03
N LEU A 692 0.03 6.83 27.00
CA LEU A 692 0.35 5.41 27.04
CA LEU A 692 0.28 5.39 27.05
C LEU A 692 0.75 4.90 28.42
C LEU A 692 0.63 4.95 28.47
N ALA A 693 1.46 5.73 29.17
CA ALA A 693 1.80 5.41 30.58
C ALA A 693 0.56 5.18 31.45
N GLU A 694 -0.47 5.99 31.25
CA GLU A 694 -1.73 5.86 31.98
C GLU A 694 -2.63 4.75 31.46
N LEU A 695 -2.64 4.57 30.14
CA LEU A 695 -3.58 3.66 29.48
C LEU A 695 -3.15 2.20 29.49
N GLY A 696 -1.84 1.97 29.46
CA GLY A 696 -1.30 0.61 29.33
C GLY A 696 -1.21 0.22 27.87
N ARG A 697 -1.51 -1.03 27.59
CA ARG A 697 -1.30 -1.59 26.25
C ARG A 697 -2.53 -1.51 25.39
N VAL A 698 -2.32 -1.38 24.08
CA VAL A 698 -3.42 -1.53 23.13
C VAL A 698 -4.03 -2.91 23.37
N ASP A 699 -5.36 -2.94 23.41
CA ASP A 699 -6.08 -4.19 23.54
C ASP A 699 -6.90 -4.51 22.27
N PRO A 700 -6.31 -5.27 21.32
CA PRO A 700 -7.06 -5.56 20.08
C PRO A 700 -8.09 -6.68 20.21
N THR A 701 -8.24 -7.24 21.41
CA THR A 701 -9.20 -8.34 21.61
C THR A 701 -10.63 -7.82 21.81
N VAL A 702 -10.78 -6.50 21.96
CA VAL A 702 -12.09 -5.89 22.13
C VAL A 702 -12.44 -5.04 20.91
N THR A 703 -13.61 -5.31 20.32
CA THR A 703 -14.15 -4.49 19.25
C THR A 703 -15.36 -3.69 19.73
N ALA A 704 -15.87 -2.83 18.86
CA ALA A 704 -17.03 -1.99 19.16
C ALA A 704 -17.94 -1.94 17.96
N ASN A 705 -19.20 -1.56 18.19
CA ASN A 705 -20.19 -1.47 17.10
C ASN A 705 -20.26 -0.08 16.42
N HIS A 706 -19.23 0.74 16.63
CA HIS A 706 -19.04 2.01 15.90
C HIS A 706 -17.55 2.06 15.56
N PRO A 707 -17.14 2.93 14.61
CA PRO A 707 -15.77 2.78 14.10
C PRO A 707 -14.68 3.67 14.69
N ILE A 708 -15.07 4.65 15.51
CA ILE A 708 -14.10 5.62 16.03
C ILE A 708 -13.92 5.38 17.52
N TYR A 709 -12.98 4.51 17.86
CA TYR A 709 -12.80 4.07 19.25
C TYR A 709 -11.40 3.45 19.39
N ALA A 710 -11.00 3.23 20.65
CA ALA A 710 -9.86 2.35 20.97
C ALA A 710 -10.08 1.73 22.35
N VAL A 711 -9.50 0.55 22.57
CA VAL A 711 -9.54 -0.08 23.92
C VAL A 711 -8.11 -0.37 24.37
N PHE A 712 -7.81 0.03 25.61
CA PHE A 712 -6.51 -0.19 26.21
C PHE A 712 -6.70 -1.09 27.44
N ASN A 713 -5.61 -1.71 27.86
CA ASN A 713 -5.64 -2.64 28.97
C ASN A 713 -4.34 -2.49 29.76
N LYS A 714 -4.47 -2.07 31.02
CA LYS A 714 -3.32 -1.93 31.92
C LYS A 714 -3.50 -2.90 33.08
N ASN A 715 -2.71 -3.97 33.08
CA ASN A 715 -2.76 -5.03 34.12
C ASN A 715 -4.18 -5.53 34.38
N GLY A 716 -4.94 -5.73 33.32
CA GLY A 716 -6.31 -6.22 33.41
C GLY A 716 -7.39 -5.18 33.52
N ASN A 717 -7.04 -3.90 33.67
CA ASN A 717 -8.03 -2.82 33.75
C ASN A 717 -8.14 -2.13 32.40
N ARG A 718 -9.33 -2.24 31.80
CA ARG A 718 -9.56 -1.66 30.47
C ARG A 718 -9.99 -0.23 30.53
N THR A 719 -9.49 0.55 29.57
CA THR A 719 -9.98 1.91 29.33
C THR A 719 -10.58 1.90 27.92
N TYR A 720 -11.79 2.45 27.79
CA TYR A 720 -12.55 2.47 26.53
C TYR A 720 -12.63 3.91 26.09
N ILE A 721 -12.22 4.18 24.84
CA ILE A 721 -12.20 5.54 24.30
C ILE A 721 -13.06 5.58 23.03
N VAL A 722 -13.97 6.54 22.97
CA VAL A 722 -14.81 6.73 21.78
C VAL A 722 -14.79 8.22 21.46
N TYR A 723 -14.66 8.56 20.18
CA TYR A 723 -14.92 9.92 19.73
C TYR A 723 -16.19 9.91 18.90
N ASN A 724 -17.09 10.85 19.21
CA ASN A 724 -18.37 10.93 18.55
C ASN A 724 -18.43 12.15 17.63
N PHE A 725 -18.42 11.92 16.31
CA PHE A 725 -18.50 12.98 15.30
C PHE A 725 -19.94 13.47 15.06
N SER A 726 -20.93 12.87 15.71
CA SER A 726 -22.34 13.16 15.40
C SER A 726 -22.85 14.38 16.17
N ASP A 727 -23.88 15.04 15.63
CA ASP A 727 -24.64 16.09 16.33
C ASP A 727 -25.48 15.51 17.47
N SER A 728 -25.66 14.18 17.48
CA SER A 728 -26.49 13.48 18.48
C SER A 728 -25.64 12.60 19.40
N PRO A 729 -26.12 12.36 20.65
CA PRO A 729 -25.38 11.42 21.50
C PRO A 729 -25.49 10.00 20.93
N ILE A 730 -24.51 9.17 21.25
CA ILE A 730 -24.55 7.76 20.82
C ILE A 730 -24.29 6.84 22.01
N THR A 731 -24.65 5.57 21.83
CA THR A 731 -24.30 4.52 22.77
C THR A 731 -23.43 3.55 22.00
N VAL A 732 -22.29 3.20 22.60
CA VAL A 732 -21.37 2.24 21.98
C VAL A 732 -21.29 0.97 22.81
N GLN A 733 -21.50 -0.17 22.14
CA GLN A 733 -21.38 -1.50 22.74
C GLN A 733 -20.06 -2.12 22.32
N PHE A 734 -19.31 -2.57 23.33
CA PHE A 734 -18.05 -3.27 23.13
C PHE A 734 -18.25 -4.78 23.22
N SER A 735 -17.35 -5.54 22.60
CA SER A 735 -17.48 -7.00 22.47
C SER A 735 -17.35 -7.77 23.80
N ASP A 736 -16.85 -7.11 24.84
CA ASP A 736 -16.72 -7.71 26.17
C ASP A 736 -17.92 -7.39 27.06
N GLY A 737 -18.95 -6.75 26.47
CA GLY A 737 -20.18 -6.44 27.20
C GLY A 737 -20.25 -5.01 27.74
N HIS A 738 -19.13 -4.29 27.70
CA HIS A 738 -19.10 -2.90 28.16
C HIS A 738 -19.87 -1.98 27.22
N SER A 739 -20.52 -0.99 27.81
CA SER A 739 -21.40 -0.12 27.07
C SER A 739 -21.17 1.29 27.57
N ILE A 740 -21.00 2.25 26.65
CA ILE A 740 -20.83 3.65 27.07
C ILE A 740 -21.69 4.64 26.27
N GLN A 741 -22.00 5.77 26.89
CA GLN A 741 -22.72 6.84 26.20
C GLN A 741 -21.78 8.00 25.91
N VAL A 742 -21.91 8.60 24.72
CA VAL A 742 -20.97 9.65 24.31
C VAL A 742 -21.76 10.84 23.80
N GLU A 743 -21.44 12.03 24.32
CA GLU A 743 -22.13 13.25 23.94
C GLU A 743 -21.72 13.67 22.54
N PRO A 744 -22.50 14.57 21.89
CA PRO A 744 -22.14 15.04 20.55
C PRO A 744 -20.75 15.66 20.50
N HIS A 745 -20.06 15.42 19.39
CA HIS A 745 -18.78 16.08 19.10
C HIS A 745 -17.81 16.06 20.28
N SER A 746 -17.58 14.88 20.84
CA SER A 746 -16.74 14.77 22.03
C SER A 746 -16.18 13.36 22.17
N PHE A 747 -15.12 13.25 22.95
CA PHE A 747 -14.69 11.96 23.52
C PHE A 747 -15.61 11.61 24.70
N ASN A 748 -15.69 10.33 25.04
CA ASN A 748 -16.44 9.88 26.23
C ASN A 748 -15.75 10.28 27.54
N ILE A 749 -14.42 10.25 27.50
CA ILE A 749 -13.52 10.55 28.62
C ILE A 749 -12.30 11.30 28.06
N GLY A 750 -11.65 12.11 28.89
CA GLY A 750 -10.48 12.88 28.44
C GLY A 750 -10.74 13.89 27.34
N ASN A 751 -11.84 14.64 27.45
CA ASN A 751 -12.02 15.81 26.57
C ASN A 751 -11.13 16.99 26.95
N GLY A 752 -10.64 16.99 28.18
CA GLY A 752 -9.81 18.06 28.70
C GLY A 752 -10.62 19.30 29.04
N ASP A 753 -10.01 20.47 28.85
CA ASP A 753 -10.66 21.76 29.08
C ASP A 753 -11.19 22.30 27.75
C2 BGC B . 18.70 7.25 -7.51
C3 BGC B . 17.52 7.47 -8.48
C4 BGC B . 17.91 8.45 -9.60
C5 BGC B . 19.20 7.99 -10.28
C6 BGC B . 19.70 8.92 -11.39
C1 BGC B . 20.00 6.91 -8.27
O1 BGC B . 21.09 6.95 -7.34
O2 BGC B . 18.37 6.18 -6.63
O3 BGC B . 16.42 8.03 -7.75
O4 BGC B . 16.86 8.56 -10.58
O5 BGC B . 20.22 7.92 -9.28
O6 BGC B . 19.57 10.30 -11.00
C2 BGC B . 14.34 7.84 -6.66
C3 BGC B . 13.01 7.05 -6.54
C4 BGC B . 12.45 6.77 -7.94
C5 BGC B . 13.51 6.06 -8.79
C6 BGC B . 13.04 5.79 -10.20
C1 BGC B . 15.31 7.13 -7.61
O2 BGC B . 14.93 8.00 -5.37
O3 BGC B . 12.15 7.91 -5.77
O4 BGC B . 11.26 5.99 -7.88
O5 BGC B . 14.69 6.89 -8.85
O6 BGC B . 14.04 5.02 -10.88
C2 BGC B . 10.78 8.32 -3.86
C3 BGC B . 9.89 7.62 -2.84
C4 BGC B . 8.89 6.70 -3.56
C5 BGC B . 9.62 5.66 -4.43
C6 BGC B . 8.67 4.74 -5.19
C1 BGC B . 11.41 7.22 -4.76
O2 BGC B . 11.77 9.07 -3.14
O3 BGC B . 9.17 8.63 -2.15
O4 BGC B . 8.04 6.04 -2.61
O5 BGC B . 10.36 6.42 -5.38
O6 BGC B . 9.46 4.02 -6.15
C1 GLC C . 8.70 7.45 0.67
C2 GLC C . 9.91 8.41 0.85
C3 GLC C . 9.85 9.12 2.20
C4 GLC C . 8.38 9.46 2.59
C5 GLC C . 7.44 9.51 1.38
C6 GLC C . 7.65 10.77 0.54
O1 GLC C . 8.47 6.44 1.71
O2 GLC C . 11.17 7.76 0.64
O3 GLC C . 10.65 10.30 2.11
O4 GLC C . 7.92 8.45 3.50
O5 GLC C . 7.54 8.30 0.56
O6 GLC C . 6.72 10.79 -0.56
C2 BGC C . 12.30 11.70 3.06
C3 BGC C . 13.12 12.02 4.31
C4 BGC C . 12.20 12.13 5.52
C5 BGC C . 11.32 10.88 5.64
C6 BGC C . 10.27 10.95 6.73
C1 BGC C . 11.43 10.46 3.30
O2 BGC C . 13.17 11.43 1.97
O3 BGC C . 13.72 13.29 4.03
O4 BGC C . 13.00 12.31 6.69
O5 BGC C . 10.59 10.70 4.41
O6 BGC C . 9.36 12.04 6.45
C2 BGC C . 15.74 13.84 2.84
C3 BGC C . 17.25 14.03 2.96
C4 BGC C . 17.54 15.01 4.09
C5 BGC C . 16.91 14.50 5.39
C6 BGC C . 16.96 15.56 6.49
C1 BGC C . 15.16 13.30 4.14
O2 BGC C . 15.51 12.89 1.82
O3 BGC C . 17.78 14.55 1.73
O4 BGC C . 18.96 15.13 4.25
O5 BGC C . 15.51 14.16 5.24
O6 BGC C . 16.59 14.88 7.70
C2 BGC D . 17.76 0.70 -8.48
C3 BGC D . 17.42 0.36 -7.02
C4 BGC D . 16.26 -0.66 -6.85
C5 BGC D . 16.21 -1.70 -7.98
C6 BGC D . 14.88 -2.44 -8.05
C1 BGC D . 17.73 -0.53 -9.39
O1 BGC D . 17.96 -0.17 -10.75
O2 BGC D . 19.04 1.35 -8.57
O3 BGC D . 17.16 1.62 -6.34
O4 BGC D . 16.44 -1.38 -5.62
O5 BGC D . 16.42 -1.08 -9.26
O6 BGC D . 14.92 -3.32 -9.19
C2 BGC D . 17.99 2.95 -4.42
C3 BGC D . 18.20 2.99 -2.89
C4 BGC D . 17.09 2.21 -2.13
C5 BGC D . 16.78 0.88 -2.80
C6 BGC D . 15.68 0.05 -2.17
C1 BGC D . 17.54 1.58 -4.94
O2 BGC D . 19.18 3.36 -5.10
O3 BGC D . 18.35 4.36 -2.45
O4 BGC D . 17.55 1.87 -0.82
O5 BGC D . 16.43 1.08 -4.17
O6 BGC D . 15.63 -1.19 -2.86
P PO4 E . -21.75 5.54 12.80
O1 PO4 E . -21.87 4.30 11.96
O2 PO4 E . -20.80 5.39 13.95
O3 PO4 E . -23.16 5.80 13.36
O4 PO4 E . -21.41 6.69 11.88
P PO4 F . -1.72 -11.07 9.84
O1 PO4 F . -1.37 -11.72 11.17
O2 PO4 F . -1.89 -12.07 8.70
O3 PO4 F . -3.02 -10.31 9.93
O4 PO4 F . -0.59 -10.13 9.48
P PO4 G . 14.06 -33.80 -12.25
O1 PO4 G . 14.34 -35.12 -11.59
O2 PO4 G . 14.85 -33.66 -13.52
O3 PO4 G . 12.59 -33.77 -12.60
O4 PO4 G . 14.45 -32.67 -11.33
P PO4 H . 14.00 11.75 -4.50
O1 PO4 H . 13.85 10.27 -4.13
O2 PO4 H . 13.57 12.08 -5.92
O3 PO4 H . 13.21 12.66 -3.57
O4 PO4 H . 15.48 12.07 -4.34
P PO4 I . 2.88 -11.04 19.94
O1 PO4 I . 3.31 -12.50 19.92
O2 PO4 I . 1.48 -10.95 19.37
O3 PO4 I . 2.83 -10.52 21.37
O4 PO4 I . 3.92 -10.28 19.18
P PO4 J . -4.77 -8.06 14.36
O1 PO4 J . -4.38 -9.52 14.14
O2 PO4 J . -4.66 -7.71 15.82
O3 PO4 J . -6.21 -7.92 13.84
O4 PO4 J . -3.87 -7.14 13.52
P PO4 K . 29.93 6.43 5.78
O1 PO4 K . 28.55 5.95 6.20
O2 PO4 K . 30.81 5.28 5.33
O3 PO4 K . 30.57 7.09 6.99
O4 PO4 K . 29.81 7.35 4.58
P PO4 L . 2.91 -15.83 -41.43
O1 PO4 L . 2.44 -17.19 -41.87
O2 PO4 L . 3.65 -15.97 -40.12
O3 PO4 L . 1.70 -14.94 -41.35
O4 PO4 L . 3.86 -15.25 -42.45
P PO4 M . 6.66 15.16 33.65
O1 PO4 M . 5.27 14.85 34.16
O2 PO4 M . 6.99 14.29 32.47
O3 PO4 M . 7.68 14.89 34.74
O4 PO4 M . 6.71 16.61 33.23
C1 EDO N . -7.72 -9.74 -17.79
O1 EDO N . -8.19 -10.55 -18.89
C2 EDO N . -6.79 -10.68 -17.04
O2 EDO N . -7.55 -11.75 -16.43
C1 EDO O . -19.12 -9.92 0.01
O1 EDO O . -18.78 -10.43 -1.27
C2 EDO O . -17.85 -9.88 0.84
O2 EDO O . -17.40 -11.21 1.02
C1 EDO P . 1.60 -41.57 -17.37
O1 EDO P . 1.03 -40.36 -16.85
C2 EDO P . 2.96 -41.27 -17.97
O2 EDO P . 2.81 -40.88 -19.33
C1 EDO Q . -9.89 -2.58 -17.52
O1 EDO Q . -11.04 -3.37 -17.20
C2 EDO Q . -9.39 -2.93 -18.93
O2 EDO Q . -9.93 -1.97 -19.86
C1 EDO R . 3.99 -19.77 6.77
O1 EDO R . 5.23 -20.37 7.25
C2 EDO R . 4.27 -18.36 6.32
O2 EDO R . 5.19 -18.39 5.19
C1 EDO S . 17.57 -10.06 -21.93
O1 EDO S . 16.30 -10.12 -21.29
C2 EDO S . 17.49 -11.11 -23.02
O2 EDO S . 16.55 -10.62 -23.97
C1 EDO T . 15.03 19.48 18.77
O1 EDO T . 14.77 20.02 17.47
C2 EDO T . 14.27 20.26 19.83
O2 EDO T . 13.24 21.05 19.24
C1 EDO U . 30.88 -3.32 4.11
O1 EDO U . 30.73 -2.68 5.39
C2 EDO U . 30.88 -4.85 4.23
O2 EDO U . 29.74 -5.38 4.95
C1 EDO V . 5.16 28.91 0.13
O1 EDO V . 3.75 29.00 -0.14
C2 EDO V . 5.91 28.53 -1.14
O2 EDO V . 5.09 27.68 -1.96
C1 EDO W . -4.66 -12.32 -28.90
O1 EDO W . -4.93 -11.78 -30.19
C2 EDO W . -4.41 -13.83 -29.00
O2 EDO W . -5.68 -14.49 -29.19
C1 EDO X . 1.97 3.67 -28.85
O1 EDO X . 2.91 2.74 -29.40
C2 EDO X . 1.44 3.10 -27.54
O2 EDO X . 1.08 1.72 -27.75
#